data_1MVY
#
_entry.id   1MVY
#
_cell.length_a   96.028
_cell.length_b   116.358
_cell.length_c   60.303
_cell.angle_alpha   90.00
_cell.angle_beta   90.00
_cell.angle_gamma   90.00
#
_symmetry.space_group_name_H-M   'P 21 21 2'
#
loop_
_entity.id
_entity.type
_entity.pdbx_description
1 polymer amylosucrase
2 branched alpha-D-glucopyranose-(1-4)-alpha-D-glucopyranose-(1-4)-alpha-D-glucopyranose-(1-4)-alpha-D-glucopyranose
3 branched alpha-D-glucopyranose-(1-4)-alpha-D-glucopyranose
4 non-polymer 2-AMINO-2-HYDROXYMETHYL-PROPANE-1,3-DIOL
5 water water
#
_entity_poly.entity_id   1
_entity_poly.type   'polypeptide(L)'
_entity_poly.pdbx_seq_one_letter_code
;SPNSQYLKTRILDIYTPEQRAGIEKSEDWRQFSRRMDTHFPKLMNELDSVYGNNEALLPMLEMLLAQAWQSYSQRNSSLK
DIDIARENNPDWILSNKQVGGVCYVDLFAGDLKGLKDKIPYFQELGLTYLYLMPLFKCPEGKSDGGYAVSSYRDVNPALG
TIGDLREVIAALHEAGISAVVDFIFNHTSNEHEWAQRCAAGDPLFDNFYYIFPDRRMPDQYDRTLREIFPDQHPGGFSQL
EDGRWVWTTFNSFQWDLNYSNPWVFRAMAGEMLFLANLGVDILRMDAVAFIWKQMGTSCENLPQAHALIRAFNAVMRIAA
PAVFFKSQAIVHPDQVVQYIGQDECQIGYNPLQMALLWNTLATREVNLLHQALTYRHNLPEHTAWVNYVRSHDDIGWTFA
DEDAAYLGISGYDHRQFLNRFFVNRFDGSFARGVPFQYNPSTGDCRVSGTAAALVGLAQDDPHAVDRIKLLYSIALSTGG
LPLIYLGDEVGTLNDDDWSQDSNKSDDSRWAHRPRYNEALYAQRNDPSTAAGQIYQGLRHMIAVRQSNPRFDGGRLVTFN
TNNKHIIGYIRNNALLAFGNFSEYPQTVTAHTLQAMPFKAHDLIGGKTVSLNQDLTLQPYQVMWLEIA
;
_entity_poly.pdbx_strand_id   A
#
loop_
_chem_comp.id
_chem_comp.type
_chem_comp.name
_chem_comp.formula
GLC D-saccharide, alpha linking alpha-D-glucopyranose 'C6 H12 O6'
TRS non-polymer 2-AMINO-2-HYDROXYMETHYL-PROPANE-1,3-DIOL 'C4 H12 N O3 1'
#
# COMPACT_ATOMS: atom_id res chain seq x y z
N SER A 1 4.22 -6.28 -35.17
CA SER A 1 4.94 -5.62 -34.04
C SER A 1 6.46 -5.80 -34.21
N PRO A 2 7.23 -4.72 -33.97
CA PRO A 2 8.69 -4.76 -34.10
C PRO A 2 9.31 -5.60 -32.99
N ASN A 3 10.59 -5.92 -33.11
CA ASN A 3 11.26 -6.73 -32.09
C ASN A 3 12.37 -5.95 -31.38
N SER A 4 12.88 -6.55 -30.30
CA SER A 4 13.93 -5.95 -29.48
C SER A 4 15.18 -5.54 -30.27
N GLN A 5 15.67 -6.42 -31.14
CA GLN A 5 16.86 -6.13 -31.91
C GLN A 5 16.69 -4.90 -32.80
N TYR A 6 15.61 -4.88 -33.57
CA TYR A 6 15.33 -3.74 -34.46
C TYR A 6 15.29 -2.42 -33.69
N LEU A 7 14.52 -2.40 -32.61
CA LEU A 7 14.38 -1.20 -31.79
C LEU A 7 15.72 -0.74 -31.18
N LYS A 8 16.54 -1.69 -30.78
CA LYS A 8 17.83 -1.34 -30.19
C LYS A 8 18.76 -0.69 -31.22
N THR A 9 18.66 -1.10 -32.47
CA THR A 9 19.52 -0.52 -33.50
C THR A 9 19.15 0.94 -33.70
N ARG A 10 17.85 1.23 -33.65
CA ARG A 10 17.38 2.59 -33.82
C ARG A 10 17.66 3.47 -32.60
N ILE A 11 17.75 2.84 -31.44
CA ILE A 11 18.05 3.59 -30.21
C ILE A 11 19.46 4.15 -30.34
N LEU A 12 20.36 3.33 -30.89
CA LEU A 12 21.76 3.71 -31.07
C LEU A 12 22.01 4.68 -32.22
N ASP A 13 20.99 4.96 -33.03
CA ASP A 13 21.15 5.87 -34.16
C ASP A 13 21.44 7.31 -33.76
N ILE A 14 21.26 7.64 -32.47
CA ILE A 14 21.51 9.00 -32.02
C ILE A 14 23.01 9.23 -31.85
N TYR A 15 23.79 8.16 -31.93
CA TYR A 15 25.23 8.25 -31.78
C TYR A 15 25.96 8.25 -33.12
N THR A 16 27.04 9.02 -33.19
CA THR A 16 27.84 9.07 -34.39
C THR A 16 28.48 7.69 -34.48
N PRO A 17 28.89 7.26 -35.68
CA PRO A 17 29.51 5.95 -35.86
C PRO A 17 30.62 5.68 -34.85
N GLU A 18 31.41 6.71 -34.57
CA GLU A 18 32.52 6.58 -33.63
C GLU A 18 32.00 6.35 -32.21
N GLN A 19 30.97 7.10 -31.82
CA GLN A 19 30.38 6.97 -30.49
C GLN A 19 29.65 5.64 -30.35
N ARG A 20 28.88 5.30 -31.37
CA ARG A 20 28.11 4.05 -31.38
C ARG A 20 28.94 2.84 -31.01
N ALA A 21 30.07 2.68 -31.68
CA ALA A 21 30.97 1.55 -31.41
C ALA A 21 31.31 1.45 -29.92
N GLY A 22 31.52 2.59 -29.27
CA GLY A 22 31.86 2.58 -27.86
C GLY A 22 30.70 2.19 -26.95
N ILE A 23 29.50 2.63 -27.30
CA ILE A 23 28.32 2.32 -26.50
C ILE A 23 28.03 0.83 -26.49
N GLU A 24 28.07 0.21 -27.68
CA GLU A 24 27.80 -1.21 -27.82
C GLU A 24 28.73 -2.13 -27.03
N LYS A 25 29.90 -1.62 -26.67
CA LYS A 25 30.85 -2.43 -25.91
C LYS A 25 30.75 -2.18 -24.41
N SER A 26 30.12 -1.07 -24.03
CA SER A 26 29.98 -0.72 -22.61
C SER A 26 29.16 -1.73 -21.80
N GLU A 27 29.37 -1.73 -20.49
CA GLU A 27 28.66 -2.63 -19.60
C GLU A 27 27.18 -2.25 -19.54
N ASP A 28 26.91 -0.95 -19.43
CA ASP A 28 25.55 -0.47 -19.36
C ASP A 28 24.70 -1.01 -20.51
N TRP A 29 25.20 -0.86 -21.72
CA TRP A 29 24.46 -1.33 -22.89
C TRP A 29 24.28 -2.84 -22.90
N ARG A 30 25.32 -3.56 -22.49
CA ARG A 30 25.27 -5.01 -22.43
C ARG A 30 24.11 -5.43 -21.54
N GLN A 31 24.01 -4.78 -20.37
CA GLN A 31 22.94 -5.07 -19.42
C GLN A 31 21.59 -4.69 -20.01
N PHE A 32 21.51 -3.46 -20.52
CA PHE A 32 20.27 -2.97 -21.11
C PHE A 32 19.82 -3.87 -22.25
N SER A 33 20.75 -4.20 -23.13
CA SER A 33 20.47 -5.06 -24.27
C SER A 33 19.91 -6.41 -23.84
N ARG A 34 20.54 -7.00 -22.82
CA ARG A 34 20.11 -8.30 -22.30
C ARG A 34 18.68 -8.21 -21.76
N ARG A 35 18.41 -7.17 -20.97
CA ARG A 35 17.09 -7.00 -20.38
C ARG A 35 16.04 -6.70 -21.46
N MET A 36 16.43 -5.97 -22.50
CA MET A 36 15.51 -5.68 -23.59
C MET A 36 15.03 -7.00 -24.17
N ASP A 37 15.97 -7.86 -24.57
CA ASP A 37 15.62 -9.15 -25.15
C ASP A 37 14.71 -9.98 -24.25
N THR A 38 15.03 -9.99 -22.96
CA THR A 38 14.26 -10.76 -22.00
C THR A 38 12.87 -10.20 -21.68
N HIS A 39 12.78 -8.89 -21.49
CA HIS A 39 11.52 -8.27 -21.09
C HIS A 39 10.73 -7.47 -22.14
N PHE A 40 11.34 -7.16 -23.27
CA PHE A 40 10.61 -6.39 -24.26
C PHE A 40 9.37 -7.12 -24.78
N PRO A 41 9.48 -8.43 -25.06
CA PRO A 41 8.30 -9.16 -25.55
C PRO A 41 7.07 -8.93 -24.69
N LYS A 42 7.24 -8.92 -23.37
CA LYS A 42 6.12 -8.69 -22.46
C LYS A 42 5.59 -7.27 -22.66
N LEU A 43 6.50 -6.30 -22.67
CA LEU A 43 6.13 -4.90 -22.85
C LEU A 43 5.31 -4.71 -24.12
N MET A 44 5.77 -5.29 -25.22
CA MET A 44 5.09 -5.18 -26.51
C MET A 44 3.73 -5.85 -26.47
N ASN A 45 3.68 -7.04 -25.90
CA ASN A 45 2.45 -7.80 -25.80
C ASN A 45 1.40 -7.05 -24.99
N GLU A 46 1.79 -6.54 -23.83
CA GLU A 46 0.85 -5.82 -22.98
C GLU A 46 0.33 -4.57 -23.68
N LEU A 47 1.24 -3.78 -24.25
CA LEU A 47 0.85 -2.55 -24.94
C LEU A 47 -0.03 -2.84 -26.16
N ASP A 48 0.26 -3.92 -26.87
CA ASP A 48 -0.55 -4.28 -28.02
C ASP A 48 -1.96 -4.68 -27.61
N SER A 49 -2.09 -5.36 -26.47
CA SER A 49 -3.40 -5.79 -25.99
C SER A 49 -4.27 -4.60 -25.62
N VAL A 50 -3.64 -3.48 -25.27
CA VAL A 50 -4.37 -2.28 -24.89
C VAL A 50 -4.60 -1.32 -26.06
N TYR A 51 -3.54 -0.98 -26.78
CA TYR A 51 -3.64 -0.02 -27.87
C TYR A 51 -3.89 -0.57 -29.27
N GLY A 52 -3.66 -1.87 -29.44
CA GLY A 52 -3.89 -2.49 -30.73
C GLY A 52 -3.09 -1.88 -31.87
N ASN A 53 -3.77 -1.60 -32.98
CA ASN A 53 -3.12 -1.03 -34.14
C ASN A 53 -3.09 0.50 -34.15
N ASN A 54 -3.14 1.10 -32.97
CA ASN A 54 -3.10 2.56 -32.85
C ASN A 54 -1.85 3.06 -33.57
N GLU A 55 -2.00 4.07 -34.43
CA GLU A 55 -0.87 4.59 -35.18
C GLU A 55 0.25 5.15 -34.30
N ALA A 56 -0.10 5.63 -33.11
CA ALA A 56 0.90 6.20 -32.21
C ALA A 56 1.67 5.18 -31.37
N LEU A 57 1.24 3.93 -31.36
CA LEU A 57 1.92 2.91 -30.55
C LEU A 57 3.40 2.78 -30.87
N LEU A 58 3.73 2.51 -32.13
CA LEU A 58 5.13 2.36 -32.53
C LEU A 58 5.97 3.60 -32.22
N PRO A 59 5.49 4.79 -32.64
CA PRO A 59 6.24 6.03 -32.38
C PRO A 59 6.44 6.29 -30.88
N MET A 60 5.41 5.98 -30.09
CA MET A 60 5.48 6.18 -28.65
C MET A 60 6.47 5.21 -28.03
N LEU A 61 6.40 3.95 -28.45
CA LEU A 61 7.29 2.91 -27.93
C LEU A 61 8.77 3.22 -28.18
N GLU A 62 9.10 3.68 -29.39
CA GLU A 62 10.49 4.00 -29.68
C GLU A 62 10.95 5.21 -28.87
N MET A 63 10.04 6.16 -28.64
CA MET A 63 10.38 7.34 -27.86
C MET A 63 10.64 6.90 -26.43
N LEU A 64 9.76 6.05 -25.90
CA LEU A 64 9.91 5.55 -24.56
C LEU A 64 11.19 4.74 -24.37
N LEU A 65 11.48 3.86 -25.33
CA LEU A 65 12.67 3.03 -25.24
C LEU A 65 13.96 3.86 -25.30
N ALA A 66 13.94 4.93 -26.09
CA ALA A 66 15.10 5.81 -26.19
C ALA A 66 15.31 6.44 -24.83
N GLN A 67 14.20 6.83 -24.19
CA GLN A 67 14.21 7.43 -22.85
C GLN A 67 14.73 6.41 -21.84
N ALA A 68 14.23 5.18 -21.95
CA ALA A 68 14.63 4.10 -21.06
C ALA A 68 16.14 3.91 -21.08
N TRP A 69 16.75 3.94 -22.26
CA TRP A 69 18.20 3.76 -22.35
C TRP A 69 18.93 4.92 -21.65
N GLN A 70 18.56 6.15 -21.98
CA GLN A 70 19.20 7.32 -21.37
C GLN A 70 19.06 7.26 -19.86
N SER A 71 17.89 6.86 -19.39
CA SER A 71 17.65 6.77 -17.96
C SER A 71 18.55 5.70 -17.33
N TYR A 72 18.65 4.54 -17.97
CA TYR A 72 19.49 3.49 -17.41
C TYR A 72 20.96 3.89 -17.49
N SER A 73 21.33 4.57 -18.57
CA SER A 73 22.71 4.99 -18.73
C SER A 73 23.10 5.94 -17.59
N GLN A 74 22.21 6.88 -17.29
CA GLN A 74 22.44 7.86 -16.24
C GLN A 74 22.32 7.28 -14.82
N ARG A 75 21.57 6.19 -14.69
CA ARG A 75 21.35 5.55 -13.40
C ARG A 75 22.64 5.34 -12.61
N ASN A 76 22.64 5.79 -11.36
CA ASN A 76 23.81 5.68 -10.49
C ASN A 76 24.29 4.23 -10.30
N SER A 77 25.60 4.04 -10.27
CA SER A 77 26.20 2.72 -10.13
C SER A 77 25.70 1.93 -8.91
N SER A 78 25.52 2.60 -7.78
CA SER A 78 25.04 1.92 -6.58
C SER A 78 23.64 1.36 -6.80
N LEU A 79 22.83 2.07 -7.57
CA LEU A 79 21.47 1.62 -7.86
C LEU A 79 21.52 0.43 -8.81
N LYS A 80 22.50 0.43 -9.72
CA LYS A 80 22.63 -0.67 -10.67
C LYS A 80 23.06 -1.95 -9.95
N ASP A 81 23.76 -1.80 -8.83
CA ASP A 81 24.17 -2.98 -8.06
C ASP A 81 22.92 -3.55 -7.42
N ILE A 82 22.01 -2.67 -6.99
CA ILE A 82 20.77 -3.11 -6.40
C ILE A 82 19.93 -3.80 -7.48
N ASP A 83 19.97 -3.26 -8.69
CA ASP A 83 19.24 -3.84 -9.81
C ASP A 83 19.64 -5.31 -9.95
N ILE A 84 20.95 -5.55 -9.99
CA ILE A 84 21.49 -6.89 -10.12
C ILE A 84 21.11 -7.78 -8.94
N ALA A 85 21.20 -7.25 -7.73
CA ALA A 85 20.87 -8.02 -6.54
C ALA A 85 19.43 -8.53 -6.57
N ARG A 86 18.48 -7.61 -6.78
CA ARG A 86 17.07 -8.01 -6.81
C ARG A 86 16.69 -8.82 -8.02
N GLU A 87 17.37 -8.57 -9.12
CA GLU A 87 17.13 -9.31 -10.35
C GLU A 87 17.42 -10.79 -10.08
N ASN A 88 18.33 -11.04 -9.14
CA ASN A 88 18.70 -12.41 -8.81
C ASN A 88 18.17 -12.88 -7.45
N ASN A 89 17.33 -12.04 -6.84
CA ASN A 89 16.71 -12.36 -5.56
C ASN A 89 15.30 -11.77 -5.54
N PRO A 90 14.41 -12.28 -6.39
CA PRO A 90 13.03 -11.81 -6.47
C PRO A 90 12.22 -11.93 -5.18
N ASP A 91 12.63 -12.85 -4.30
CA ASP A 91 11.91 -13.05 -3.05
C ASP A 91 12.41 -12.22 -1.88
N TRP A 92 13.20 -11.18 -2.15
CA TRP A 92 13.69 -10.35 -1.05
C TRP A 92 12.50 -9.79 -0.28
N ILE A 93 11.39 -9.56 -0.98
CA ILE A 93 10.16 -9.03 -0.38
C ILE A 93 9.50 -10.00 0.60
N LEU A 94 9.81 -11.28 0.46
CA LEU A 94 9.22 -12.31 1.31
C LEU A 94 10.02 -12.62 2.58
N SER A 95 11.20 -12.02 2.71
CA SER A 95 12.06 -12.25 3.87
C SER A 95 11.44 -11.77 5.18
N ASN A 96 11.56 -12.59 6.22
CA ASN A 96 11.04 -12.23 7.54
C ASN A 96 11.82 -11.06 8.11
N LYS A 97 13.00 -10.81 7.55
CA LYS A 97 13.85 -9.72 7.99
C LYS A 97 13.22 -8.36 7.70
N GLN A 98 12.32 -8.32 6.73
CA GLN A 98 11.68 -7.06 6.35
C GLN A 98 10.56 -6.61 7.29
N VAL A 99 10.62 -5.34 7.67
CA VAL A 99 9.62 -4.70 8.53
C VAL A 99 9.58 -3.25 8.07
N GLY A 100 8.41 -2.80 7.62
CA GLY A 100 8.31 -1.44 7.13
C GLY A 100 7.54 -0.48 8.02
N GLY A 101 7.76 0.80 7.77
CA GLY A 101 7.08 1.84 8.52
C GLY A 101 6.65 2.92 7.53
N VAL A 102 5.61 3.68 7.85
CA VAL A 102 5.15 4.75 6.97
C VAL A 102 4.82 5.99 7.78
N CYS A 103 5.10 7.16 7.22
CA CYS A 103 4.81 8.40 7.89
C CYS A 103 4.74 9.56 6.91
N TYR A 104 4.17 10.67 7.38
CA TYR A 104 4.10 11.87 6.57
C TYR A 104 5.34 12.62 7.03
N VAL A 105 6.16 13.08 6.09
CA VAL A 105 7.38 13.79 6.46
C VAL A 105 7.08 15.04 7.29
N ASP A 106 6.09 15.82 6.90
CA ASP A 106 5.76 17.03 7.63
C ASP A 106 5.22 16.74 9.03
N LEU A 107 4.28 15.81 9.13
CA LEU A 107 3.68 15.48 10.42
C LEU A 107 4.63 14.78 11.38
N PHE A 108 5.44 13.88 10.83
CA PHE A 108 6.37 13.11 11.67
C PHE A 108 7.70 13.78 11.97
N ALA A 109 8.25 14.52 11.01
CA ALA A 109 9.55 15.14 11.22
C ALA A 109 9.75 16.57 10.72
N GLY A 110 8.66 17.26 10.38
CA GLY A 110 8.79 18.63 9.91
C GLY A 110 9.12 18.75 8.44
N ASP A 111 10.32 18.32 8.06
CA ASP A 111 10.75 18.36 6.67
C ASP A 111 11.74 17.23 6.39
N LEU A 112 12.22 17.15 5.15
CA LEU A 112 13.16 16.09 4.75
C LEU A 112 14.45 16.04 5.58
N LYS A 113 15.03 17.20 5.89
CA LYS A 113 16.26 17.18 6.70
C LYS A 113 15.93 16.67 8.09
N GLY A 114 14.74 17.01 8.57
CA GLY A 114 14.33 16.54 9.89
C GLY A 114 14.10 15.03 9.87
N LEU A 115 13.58 14.55 8.75
CA LEU A 115 13.32 13.12 8.59
C LEU A 115 14.67 12.41 8.63
N LYS A 116 15.65 12.98 7.95
CA LYS A 116 16.98 12.41 7.90
C LYS A 116 17.48 12.19 9.33
N ASP A 117 17.16 13.11 10.23
CA ASP A 117 17.58 12.99 11.63
C ASP A 117 16.82 11.91 12.40
N LYS A 118 15.71 11.42 11.84
CA LYS A 118 14.92 10.38 12.50
C LYS A 118 15.37 8.97 12.12
N ILE A 119 16.27 8.88 11.14
CA ILE A 119 16.75 7.57 10.70
C ILE A 119 17.27 6.71 11.85
N PRO A 120 18.02 7.31 12.80
CA PRO A 120 18.51 6.50 13.92
C PRO A 120 17.35 5.83 14.67
N TYR A 121 16.22 6.52 14.79
CA TYR A 121 15.06 5.94 15.45
C TYR A 121 14.54 4.77 14.61
N PHE A 122 14.45 4.98 13.30
CA PHE A 122 13.97 3.92 12.42
C PHE A 122 14.82 2.67 12.59
N GLN A 123 16.12 2.83 12.75
CA GLN A 123 17.03 1.70 12.94
C GLN A 123 16.80 1.09 14.32
N GLU A 124 16.49 1.95 15.29
CA GLU A 124 16.22 1.52 16.65
C GLU A 124 14.96 0.65 16.63
N LEU A 125 13.96 1.11 15.88
CA LEU A 125 12.70 0.38 15.76
C LEU A 125 12.91 -0.93 14.99
N GLY A 126 13.90 -0.93 14.10
CA GLY A 126 14.21 -2.13 13.32
C GLY A 126 13.67 -2.11 11.90
N LEU A 127 13.32 -0.94 11.41
CA LEU A 127 12.78 -0.81 10.05
C LEU A 127 13.81 -1.08 8.95
N THR A 128 13.35 -1.68 7.86
CA THR A 128 14.19 -2.00 6.72
C THR A 128 13.44 -1.48 5.49
N TYR A 129 12.34 -0.81 5.76
CA TYR A 129 11.45 -0.30 4.71
C TYR A 129 10.75 0.94 5.25
N LEU A 130 10.89 2.06 4.57
CA LEU A 130 10.25 3.30 5.00
C LEU A 130 9.49 3.93 3.85
N TYR A 131 8.17 4.03 4.01
CA TYR A 131 7.31 4.61 3.01
C TYR A 131 6.93 6.03 3.43
N LEU A 132 7.26 7.01 2.59
CA LEU A 132 6.95 8.40 2.86
C LEU A 132 5.76 8.84 2.03
N MET A 133 4.82 9.55 2.65
CA MET A 133 3.62 10.05 1.98
C MET A 133 3.97 11.11 0.94
N PRO A 134 3.05 11.39 -0.01
CA PRO A 134 3.25 12.38 -1.07
C PRO A 134 4.18 13.55 -0.73
N LEU A 135 5.29 13.62 -1.45
CA LEU A 135 6.32 14.63 -1.23
C LEU A 135 6.38 15.77 -2.23
N PHE A 136 5.77 15.58 -3.39
CA PHE A 136 5.84 16.59 -4.44
C PHE A 136 4.82 17.71 -4.43
N LYS A 137 5.14 18.77 -5.17
CA LYS A 137 4.31 19.96 -5.25
C LYS A 137 2.84 19.64 -5.50
N CYS A 138 1.97 20.33 -4.76
CA CYS A 138 0.52 20.15 -4.86
C CYS A 138 -0.15 21.48 -4.55
N PRO A 139 -1.45 21.61 -4.87
CA PRO A 139 -2.18 22.85 -4.61
C PRO A 139 -2.11 23.24 -3.13
N GLU A 140 -2.03 24.54 -2.85
CA GLU A 140 -2.01 24.99 -1.47
C GLU A 140 -3.40 24.84 -0.88
N GLY A 141 -3.47 24.53 0.41
CA GLY A 141 -4.77 24.35 1.03
C GLY A 141 -5.20 22.90 0.86
N LYS A 142 -6.23 22.66 0.05
CA LYS A 142 -6.71 21.30 -0.15
C LYS A 142 -6.01 20.59 -1.32
N SER A 143 -5.33 19.49 -1.01
CA SER A 143 -4.62 18.71 -2.01
C SER A 143 -4.80 17.22 -1.76
N ASP A 144 -5.78 16.88 -0.93
CA ASP A 144 -6.03 15.49 -0.56
C ASP A 144 -4.73 14.94 0.03
N GLY A 145 -4.19 15.70 0.98
CA GLY A 145 -2.95 15.29 1.64
C GLY A 145 -1.79 15.01 0.70
N GLY A 146 -1.68 15.81 -0.35
CA GLY A 146 -0.59 15.63 -1.31
C GLY A 146 -0.90 14.73 -2.49
N TYR A 147 -2.07 14.08 -2.49
CA TYR A 147 -2.41 13.19 -3.59
C TYR A 147 -2.92 13.88 -4.87
N ALA A 148 -2.94 15.20 -4.85
CA ALA A 148 -3.34 15.98 -6.01
C ALA A 148 -2.01 16.59 -6.45
N VAL A 149 -1.30 15.90 -7.32
CA VAL A 149 0.02 16.35 -7.76
C VAL A 149 0.02 17.42 -8.86
N SER A 150 0.75 18.50 -8.62
CA SER A 150 0.86 19.59 -9.58
C SER A 150 2.19 19.55 -10.31
N SER A 151 3.08 18.69 -9.83
CA SER A 151 4.41 18.52 -10.41
C SER A 151 5.04 17.24 -9.86
N TYR A 152 5.44 16.36 -10.76
CA TYR A 152 6.08 15.11 -10.35
C TYR A 152 7.58 15.31 -10.13
N ARG A 153 8.10 16.46 -10.55
CA ARG A 153 9.52 16.74 -10.41
C ARG A 153 9.91 17.66 -9.25
N ASP A 154 9.07 18.64 -8.94
CA ASP A 154 9.37 19.58 -7.87
C ASP A 154 8.81 19.16 -6.51
N VAL A 155 9.71 19.05 -5.54
CA VAL A 155 9.32 18.67 -4.19
C VAL A 155 8.53 19.80 -3.53
N ASN A 156 7.61 19.42 -2.65
CA ASN A 156 6.81 20.40 -1.91
C ASN A 156 7.85 21.26 -1.18
N PRO A 157 7.91 22.57 -1.52
CA PRO A 157 8.88 23.46 -0.87
C PRO A 157 8.89 23.41 0.65
N ALA A 158 7.75 23.12 1.26
CA ALA A 158 7.67 23.05 2.72
C ALA A 158 8.46 21.86 3.27
N LEU A 159 8.74 20.88 2.42
CA LEU A 159 9.47 19.68 2.83
C LEU A 159 10.96 19.74 2.51
N GLY A 160 11.31 20.53 1.49
CA GLY A 160 12.69 20.66 1.09
C GLY A 160 12.80 20.68 -0.41
N THR A 161 13.94 20.24 -0.93
CA THR A 161 14.16 20.24 -2.37
C THR A 161 14.37 18.83 -2.89
N ILE A 162 14.38 18.68 -4.21
CA ILE A 162 14.61 17.38 -4.82
C ILE A 162 15.98 16.90 -4.34
N GLY A 163 16.86 17.86 -4.08
CA GLY A 163 18.20 17.54 -3.60
C GLY A 163 18.15 16.90 -2.22
N ASP A 164 17.28 17.41 -1.35
CA ASP A 164 17.14 16.87 -0.01
C ASP A 164 16.57 15.46 -0.06
N LEU A 165 15.69 15.22 -1.03
CA LEU A 165 15.08 13.90 -1.18
C LEU A 165 16.14 12.89 -1.57
N ARG A 166 17.02 13.26 -2.50
CA ARG A 166 18.09 12.36 -2.92
C ARG A 166 18.96 11.97 -1.73
N GLU A 167 19.33 12.99 -0.95
CA GLU A 167 20.14 12.77 0.25
C GLU A 167 19.43 11.83 1.22
N VAL A 168 18.14 12.06 1.42
CA VAL A 168 17.37 11.22 2.33
C VAL A 168 17.43 9.77 1.84
N ILE A 169 17.10 9.55 0.58
CA ILE A 169 17.11 8.20 0.04
C ILE A 169 18.47 7.53 0.18
N ALA A 170 19.54 8.27 -0.06
CA ALA A 170 20.88 7.71 0.08
C ALA A 170 21.17 7.39 1.54
N ALA A 171 20.68 8.24 2.44
CA ALA A 171 20.88 8.03 3.87
C ALA A 171 20.11 6.80 4.34
N LEU A 172 18.94 6.57 3.75
CA LEU A 172 18.16 5.41 4.11
C LEU A 172 18.88 4.15 3.66
N HIS A 173 19.41 4.18 2.43
CA HIS A 173 20.14 3.03 1.91
C HIS A 173 21.37 2.74 2.77
N GLU A 174 22.04 3.78 3.23
CA GLU A 174 23.23 3.60 4.07
C GLU A 174 22.83 2.90 5.37
N ALA A 175 21.61 3.18 5.84
CA ALA A 175 21.11 2.58 7.07
C ALA A 175 20.42 1.24 6.84
N GLY A 176 20.52 0.72 5.63
CA GLY A 176 19.90 -0.56 5.31
C GLY A 176 18.38 -0.47 5.24
N ILE A 177 17.88 0.68 4.79
CA ILE A 177 16.44 0.92 4.69
C ILE A 177 16.03 1.25 3.26
N SER A 178 15.06 0.52 2.71
CA SER A 178 14.58 0.78 1.36
C SER A 178 13.64 1.98 1.36
N ALA A 179 13.68 2.77 0.28
CA ALA A 179 12.84 3.96 0.17
C ALA A 179 11.60 3.66 -0.66
N VAL A 180 10.44 3.98 -0.09
CA VAL A 180 9.17 3.72 -0.76
C VAL A 180 8.32 5.00 -0.83
N VAL A 181 7.82 5.29 -2.02
CA VAL A 181 6.98 6.47 -2.23
C VAL A 181 5.83 6.13 -3.16
N ASP A 182 4.87 7.06 -3.27
CA ASP A 182 3.73 6.89 -4.14
C ASP A 182 4.03 7.21 -5.59
N PHE A 183 3.33 6.49 -6.47
CA PHE A 183 3.41 6.74 -7.89
C PHE A 183 1.94 7.04 -8.16
N ILE A 184 1.57 8.32 -8.02
CA ILE A 184 0.19 8.74 -8.21
C ILE A 184 -0.03 8.87 -9.71
N PHE A 185 -0.23 7.72 -10.36
CA PHE A 185 -0.38 7.70 -11.80
C PHE A 185 -1.79 7.68 -12.41
N ASN A 186 -2.82 7.65 -11.58
CA ASN A 186 -4.18 7.64 -12.12
C ASN A 186 -4.72 9.04 -12.35
N HIS A 187 -4.14 10.03 -11.69
CA HIS A 187 -4.63 11.39 -11.80
C HIS A 187 -3.62 12.43 -11.36
N THR A 188 -3.84 13.67 -11.78
CA THR A 188 -2.99 14.79 -11.40
C THR A 188 -3.91 15.84 -10.82
N SER A 189 -3.34 16.89 -10.23
CA SER A 189 -4.14 17.97 -9.68
C SER A 189 -4.62 18.75 -10.90
N ASN A 190 -5.69 19.51 -10.75
CA ASN A 190 -6.21 20.31 -11.86
C ASN A 190 -5.32 21.51 -12.12
N GLU A 191 -4.25 21.63 -11.33
CA GLU A 191 -3.30 22.73 -11.48
C GLU A 191 -2.02 22.26 -12.16
N HIS A 192 -1.93 20.96 -12.43
CA HIS A 192 -0.76 20.42 -13.09
C HIS A 192 -0.72 21.05 -14.49
N GLU A 193 0.49 21.28 -14.99
CA GLU A 193 0.64 21.88 -16.31
C GLU A 193 -0.09 21.11 -17.41
N TRP A 194 -0.08 19.77 -17.33
CA TRP A 194 -0.75 18.96 -18.34
C TRP A 194 -2.25 19.22 -18.36
N ALA A 195 -2.83 19.31 -17.16
CA ALA A 195 -4.25 19.55 -17.01
C ALA A 195 -4.63 20.91 -17.61
N GLN A 196 -3.85 21.93 -17.25
CA GLN A 196 -4.11 23.27 -17.75
C GLN A 196 -4.00 23.32 -19.27
N ARG A 197 -2.91 22.81 -19.81
CA ARG A 197 -2.70 22.81 -21.26
C ARG A 197 -3.74 21.96 -21.99
N CYS A 198 -4.15 20.85 -21.39
CA CYS A 198 -5.15 20.01 -22.02
C CYS A 198 -6.48 20.76 -22.08
N ALA A 199 -6.90 21.31 -20.94
CA ALA A 199 -8.15 22.06 -20.87
C ALA A 199 -8.11 23.31 -21.76
N ALA A 200 -6.93 23.91 -21.88
CA ALA A 200 -6.76 25.12 -22.69
C ALA A 200 -6.81 24.80 -24.18
N GLY A 201 -6.83 23.52 -24.53
CA GLY A 201 -6.89 23.14 -25.93
C GLY A 201 -5.56 22.98 -26.62
N ASP A 202 -4.48 22.89 -25.85
CA ASP A 202 -3.15 22.73 -26.41
C ASP A 202 -3.16 21.37 -27.13
N PRO A 203 -2.87 21.36 -28.43
CA PRO A 203 -2.86 20.10 -29.19
C PRO A 203 -1.83 19.09 -28.69
N LEU A 204 -0.79 19.56 -28.02
CA LEU A 204 0.25 18.70 -27.50
C LEU A 204 -0.27 17.88 -26.32
N PHE A 205 -1.36 18.34 -25.71
CA PHE A 205 -1.94 17.64 -24.58
C PHE A 205 -3.39 17.24 -24.80
N ASP A 206 -3.74 17.05 -26.07
CA ASP A 206 -5.08 16.64 -26.41
C ASP A 206 -5.34 15.23 -25.86
N ASN A 207 -6.52 15.02 -25.29
CA ASN A 207 -6.90 13.71 -24.77
C ASN A 207 -6.00 13.19 -23.66
N PHE A 208 -5.43 14.09 -22.86
CA PHE A 208 -4.60 13.65 -21.75
C PHE A 208 -5.48 13.33 -20.56
N TYR A 209 -6.72 13.80 -20.61
CA TYR A 209 -7.71 13.55 -19.56
C TYR A 209 -9.02 13.24 -20.26
N TYR A 210 -10.09 13.00 -19.49
CA TYR A 210 -11.40 12.71 -20.07
C TYR A 210 -12.31 13.92 -19.88
N ILE A 211 -12.41 14.76 -20.90
CA ILE A 211 -13.24 15.95 -20.82
C ILE A 211 -14.43 15.83 -21.76
N PHE A 212 -15.61 16.18 -21.26
CA PHE A 212 -16.84 16.09 -22.04
C PHE A 212 -17.56 17.44 -22.16
N PRO A 213 -18.29 17.62 -23.27
CA PRO A 213 -19.04 18.87 -23.53
C PRO A 213 -20.20 19.13 -22.58
N ASP A 214 -20.85 18.07 -22.13
CA ASP A 214 -22.00 18.19 -21.24
C ASP A 214 -22.15 16.96 -20.36
N ARG A 215 -23.34 16.77 -19.81
CA ARG A 215 -23.61 15.63 -18.94
C ARG A 215 -24.08 14.36 -19.65
N ARG A 216 -24.17 14.37 -20.98
CA ARG A 216 -24.65 13.21 -21.71
C ARG A 216 -23.88 11.91 -21.38
N MET A 217 -22.57 11.92 -21.61
CA MET A 217 -21.78 10.73 -21.30
C MET A 217 -21.55 10.57 -19.79
N PRO A 218 -21.27 11.67 -19.08
CA PRO A 218 -21.07 11.53 -17.63
C PRO A 218 -22.26 10.84 -16.98
N ASP A 219 -23.48 11.21 -17.38
CA ASP A 219 -24.67 10.56 -16.82
C ASP A 219 -24.70 9.08 -17.17
N GLN A 220 -24.26 8.75 -18.38
CA GLN A 220 -24.25 7.36 -18.81
C GLN A 220 -23.23 6.57 -17.99
N TYR A 221 -22.05 7.14 -17.83
CA TYR A 221 -21.00 6.49 -17.04
C TYR A 221 -21.46 6.31 -15.61
N ASP A 222 -22.00 7.37 -15.02
CA ASP A 222 -22.46 7.35 -13.64
C ASP A 222 -23.48 6.27 -13.28
N ARG A 223 -24.08 5.64 -14.29
CA ARG A 223 -25.05 4.58 -14.02
C ARG A 223 -24.34 3.39 -13.36
N THR A 224 -23.04 3.25 -13.61
CA THR A 224 -22.28 2.14 -13.04
C THR A 224 -21.04 2.52 -12.23
N LEU A 225 -20.88 3.80 -11.95
CA LEU A 225 -19.69 4.22 -11.20
C LEU A 225 -19.88 4.26 -9.69
N ARG A 226 -18.87 3.76 -8.98
CA ARG A 226 -18.86 3.73 -7.52
C ARG A 226 -18.40 5.12 -7.08
N GLU A 227 -18.96 5.63 -5.99
CA GLU A 227 -18.57 6.94 -5.49
C GLU A 227 -17.54 6.78 -4.37
N ILE A 228 -16.34 7.32 -4.57
CA ILE A 228 -15.28 7.23 -3.57
C ILE A 228 -15.45 8.30 -2.49
N PHE A 229 -15.71 9.53 -2.92
CA PHE A 229 -15.91 10.64 -1.98
C PHE A 229 -17.26 11.28 -2.27
N PRO A 230 -18.36 10.60 -1.94
CA PRO A 230 -19.70 11.13 -2.19
C PRO A 230 -19.93 12.51 -1.57
N ASP A 231 -19.19 12.84 -0.51
CA ASP A 231 -19.34 14.14 0.14
C ASP A 231 -18.88 15.27 -0.77
N GLN A 232 -17.93 14.97 -1.65
CA GLN A 232 -17.36 15.95 -2.56
C GLN A 232 -18.17 16.19 -3.83
N HIS A 233 -18.72 15.12 -4.39
CA HIS A 233 -19.51 15.25 -5.60
C HIS A 233 -20.14 13.91 -5.95
N PRO A 234 -21.25 13.95 -6.69
CA PRO A 234 -21.88 12.69 -7.07
C PRO A 234 -21.14 12.08 -8.26
N GLY A 235 -21.35 10.79 -8.50
CA GLY A 235 -20.71 10.14 -9.62
C GLY A 235 -19.21 10.33 -9.73
N GLY A 236 -18.69 10.21 -10.94
CA GLY A 236 -17.25 10.37 -11.12
C GLY A 236 -16.84 11.58 -11.95
N PHE A 237 -17.69 12.60 -12.03
CA PHE A 237 -17.34 13.79 -12.82
C PHE A 237 -17.51 15.12 -12.10
N SER A 238 -16.75 16.11 -12.55
CA SER A 238 -16.80 17.46 -11.99
C SER A 238 -16.90 18.45 -13.15
N GLN A 239 -17.61 19.55 -12.94
CA GLN A 239 -17.78 20.55 -13.98
C GLN A 239 -16.74 21.66 -13.92
N LEU A 240 -16.23 22.04 -15.10
CA LEU A 240 -15.25 23.11 -15.21
C LEU A 240 -16.00 24.43 -15.25
N GLU A 241 -15.30 25.53 -15.00
CA GLU A 241 -15.95 26.83 -15.03
C GLU A 241 -16.59 27.11 -16.37
N ASP A 242 -15.95 26.65 -17.46
CA ASP A 242 -16.52 26.87 -18.79
C ASP A 242 -17.72 25.98 -19.11
N GLY A 243 -18.14 25.18 -18.15
CA GLY A 243 -19.30 24.32 -18.37
C GLY A 243 -19.04 22.88 -18.76
N ARG A 244 -17.82 22.57 -19.19
CA ARG A 244 -17.49 21.20 -19.58
C ARG A 244 -17.37 20.32 -18.33
N TRP A 245 -17.34 19.01 -18.54
CA TRP A 245 -17.19 18.07 -17.42
C TRP A 245 -15.95 17.22 -17.58
N VAL A 246 -15.25 16.99 -16.47
CA VAL A 246 -14.03 16.19 -16.48
C VAL A 246 -14.14 15.01 -15.51
N TRP A 247 -13.55 13.89 -15.90
CA TRP A 247 -13.59 12.69 -15.07
C TRP A 247 -12.76 12.92 -13.81
N THR A 248 -13.39 12.81 -12.65
CA THR A 248 -12.71 13.00 -11.37
C THR A 248 -13.18 11.94 -10.38
N THR A 249 -12.53 10.79 -10.41
CA THR A 249 -12.87 9.69 -9.53
C THR A 249 -12.80 10.11 -8.06
N PHE A 250 -11.81 10.93 -7.73
CA PHE A 250 -11.63 11.37 -6.36
C PHE A 250 -12.10 12.80 -6.14
N ASN A 251 -11.24 13.69 -5.64
CA ASN A 251 -11.68 15.06 -5.44
C ASN A 251 -11.81 15.77 -6.78
N SER A 252 -12.58 16.86 -6.79
CA SER A 252 -12.80 17.65 -7.99
C SER A 252 -11.52 18.22 -8.54
N PHE A 253 -10.52 18.41 -7.67
CA PHE A 253 -9.25 18.96 -8.10
C PHE A 253 -8.25 17.89 -8.55
N GLN A 254 -8.72 16.66 -8.67
CA GLN A 254 -7.89 15.55 -9.13
C GLN A 254 -8.51 15.02 -10.43
N TRP A 255 -7.80 15.21 -11.53
CA TRP A 255 -8.29 14.78 -12.84
C TRP A 255 -7.68 13.46 -13.29
N ASP A 256 -8.54 12.50 -13.59
CA ASP A 256 -8.10 11.19 -14.05
C ASP A 256 -7.34 11.29 -15.37
N LEU A 257 -6.13 10.76 -15.41
CA LEU A 257 -5.32 10.76 -16.62
C LEU A 257 -5.93 9.76 -17.59
N ASN A 258 -5.88 10.09 -18.88
CA ASN A 258 -6.47 9.25 -19.94
C ASN A 258 -5.49 8.26 -20.57
N TYR A 259 -5.41 7.07 -19.98
CA TYR A 259 -4.51 6.04 -20.49
C TYR A 259 -4.96 5.43 -21.81
N SER A 260 -6.11 5.84 -22.34
CA SER A 260 -6.50 5.28 -23.64
C SER A 260 -5.68 6.02 -24.69
N ASN A 261 -4.91 7.01 -24.23
CA ASN A 261 -4.00 7.78 -25.09
C ASN A 261 -2.59 7.27 -24.81
N PRO A 262 -1.98 6.54 -25.76
CA PRO A 262 -0.64 6.01 -25.56
C PRO A 262 0.41 7.02 -25.09
N TRP A 263 0.22 8.29 -25.44
CA TRP A 263 1.17 9.33 -25.02
C TRP A 263 1.10 9.60 -23.52
N VAL A 264 -0.01 9.22 -22.90
CA VAL A 264 -0.17 9.39 -21.46
C VAL A 264 0.69 8.32 -20.79
N PHE A 265 0.69 7.12 -21.37
CA PHE A 265 1.49 6.03 -20.82
C PHE A 265 2.96 6.42 -20.88
N ARG A 266 3.37 6.92 -22.04
CA ARG A 266 4.75 7.34 -22.26
C ARG A 266 5.15 8.40 -21.25
N ALA A 267 4.27 9.39 -21.08
CA ALA A 267 4.51 10.48 -20.15
C ALA A 267 4.73 9.97 -18.72
N MET A 268 3.81 9.13 -18.25
CA MET A 268 3.93 8.58 -16.90
C MET A 268 5.09 7.61 -16.76
N ALA A 269 5.41 6.89 -17.83
CA ALA A 269 6.55 5.97 -17.78
C ALA A 269 7.79 6.84 -17.57
N GLY A 270 7.79 8.03 -18.15
CA GLY A 270 8.93 8.92 -17.97
C GLY A 270 9.04 9.35 -16.52
N GLU A 271 7.90 9.63 -15.89
CA GLU A 271 7.91 10.05 -14.50
C GLU A 271 8.37 8.89 -13.62
N MET A 272 8.00 7.67 -13.98
CA MET A 272 8.39 6.50 -13.20
C MET A 272 9.91 6.33 -13.22
N LEU A 273 10.52 6.55 -14.40
CA LEU A 273 11.97 6.45 -14.54
C LEU A 273 12.68 7.52 -13.70
N PHE A 274 12.09 8.71 -13.66
CA PHE A 274 12.64 9.81 -12.88
C PHE A 274 12.72 9.38 -11.40
N LEU A 275 11.60 8.87 -10.89
CA LEU A 275 11.56 8.42 -9.51
C LEU A 275 12.53 7.27 -9.33
N ALA A 276 12.55 6.37 -10.31
CA ALA A 276 13.44 5.23 -10.27
C ALA A 276 14.88 5.65 -10.03
N ASN A 277 15.35 6.63 -10.79
CA ASN A 277 16.73 7.08 -10.63
C ASN A 277 17.00 7.90 -9.39
N LEU A 278 15.95 8.19 -8.62
CA LEU A 278 16.15 8.92 -7.37
C LEU A 278 16.59 7.86 -6.36
N GLY A 279 16.45 6.59 -6.74
CA GLY A 279 16.83 5.50 -5.87
C GLY A 279 15.66 4.90 -5.12
N VAL A 280 14.44 5.19 -5.56
CA VAL A 280 13.26 4.64 -4.92
C VAL A 280 13.27 3.13 -5.15
N ASP A 281 12.99 2.37 -4.10
CA ASP A 281 12.97 0.91 -4.18
C ASP A 281 11.61 0.37 -4.54
N ILE A 282 10.57 0.95 -3.96
CA ILE A 282 9.20 0.52 -4.21
C ILE A 282 8.28 1.70 -4.48
N LEU A 283 7.42 1.53 -5.48
CA LEU A 283 6.46 2.56 -5.84
C LEU A 283 5.06 2.11 -5.47
N ARG A 284 4.39 2.87 -4.64
CA ARG A 284 3.02 2.53 -4.26
C ARG A 284 2.17 2.99 -5.44
N MET A 285 1.61 2.03 -6.15
CA MET A 285 0.79 2.32 -7.34
C MET A 285 -0.60 2.80 -6.93
N ASP A 286 -0.70 4.10 -6.67
CA ASP A 286 -1.95 4.69 -6.23
C ASP A 286 -3.13 4.53 -7.19
N ALA A 287 -4.21 3.98 -6.67
CA ALA A 287 -5.44 3.78 -7.43
C ALA A 287 -5.25 2.99 -8.73
N VAL A 288 -4.58 1.85 -8.64
CA VAL A 288 -4.35 1.02 -9.82
C VAL A 288 -5.66 0.56 -10.45
N ALA A 289 -6.69 0.39 -9.63
CA ALA A 289 -7.98 -0.08 -10.11
C ALA A 289 -8.70 0.82 -11.11
N PHE A 290 -8.41 2.11 -11.06
CA PHE A 290 -9.09 3.08 -11.91
C PHE A 290 -8.44 3.55 -13.20
N ILE A 291 -7.30 2.98 -13.59
CA ILE A 291 -6.63 3.50 -14.79
C ILE A 291 -7.23 3.19 -16.17
N TRP A 292 -8.38 2.50 -16.20
CA TRP A 292 -9.02 2.23 -17.49
C TRP A 292 -10.51 2.38 -17.35
N LYS A 293 -11.12 3.07 -18.32
CA LYS A 293 -12.55 3.31 -18.30
C LYS A 293 -13.25 2.63 -19.47
N GLN A 294 -14.50 2.22 -19.25
CA GLN A 294 -15.30 1.62 -20.29
C GLN A 294 -16.76 1.77 -19.92
N MET A 295 -17.50 2.43 -20.79
CA MET A 295 -18.92 2.67 -20.61
C MET A 295 -19.63 1.35 -20.31
N GLY A 296 -20.55 1.38 -19.35
CA GLY A 296 -21.30 0.18 -19.00
C GLY A 296 -20.64 -0.68 -17.94
N THR A 297 -19.42 -0.33 -17.55
CA THR A 297 -18.71 -1.10 -16.53
C THR A 297 -18.40 -0.18 -15.36
N SER A 298 -17.96 -0.77 -14.25
CA SER A 298 -17.63 -0.01 -13.07
C SER A 298 -16.37 0.82 -13.28
N CYS A 299 -15.67 0.56 -14.38
CA CYS A 299 -14.43 1.28 -14.68
C CYS A 299 -13.41 1.04 -13.57
N GLU A 300 -13.43 -0.19 -13.04
CA GLU A 300 -12.51 -0.61 -11.99
C GLU A 300 -12.04 -2.01 -12.32
N ASN A 301 -10.76 -2.27 -12.10
CA ASN A 301 -10.20 -3.60 -12.33
C ASN A 301 -10.38 -4.13 -13.75
N LEU A 302 -10.50 -3.24 -14.74
CA LEU A 302 -10.69 -3.72 -16.11
C LEU A 302 -9.40 -4.37 -16.64
N PRO A 303 -9.52 -5.29 -17.61
CA PRO A 303 -8.37 -5.98 -18.19
C PRO A 303 -7.22 -5.06 -18.61
N GLN A 304 -7.55 -3.97 -19.29
CA GLN A 304 -6.54 -3.04 -19.75
C GLN A 304 -5.77 -2.38 -18.62
N ALA A 305 -6.42 -2.24 -17.47
CA ALA A 305 -5.76 -1.64 -16.31
C ALA A 305 -4.63 -2.57 -15.88
N HIS A 306 -4.94 -3.86 -15.82
CA HIS A 306 -3.94 -4.85 -15.42
C HIS A 306 -2.81 -4.93 -16.43
N ALA A 307 -3.15 -4.87 -17.72
CA ALA A 307 -2.17 -4.91 -18.79
C ALA A 307 -1.20 -3.74 -18.71
N LEU A 308 -1.74 -2.54 -18.46
CA LEU A 308 -0.92 -1.34 -18.37
C LEU A 308 0.10 -1.43 -17.23
N ILE A 309 -0.32 -1.97 -16.10
CA ILE A 309 0.57 -2.11 -14.96
C ILE A 309 1.66 -3.12 -15.32
N ARG A 310 1.31 -4.17 -16.04
CA ARG A 310 2.30 -5.16 -16.46
C ARG A 310 3.25 -4.51 -17.46
N ALA A 311 2.74 -3.56 -18.26
CA ALA A 311 3.58 -2.85 -19.21
C ALA A 311 4.58 -2.01 -18.42
N PHE A 312 4.09 -1.29 -17.41
CA PHE A 312 4.97 -0.50 -16.55
C PHE A 312 6.02 -1.41 -15.91
N ASN A 313 5.59 -2.57 -15.43
CA ASN A 313 6.49 -3.54 -14.80
C ASN A 313 7.67 -3.86 -15.73
N ALA A 314 7.35 -4.16 -16.99
CA ALA A 314 8.38 -4.48 -17.98
C ALA A 314 9.38 -3.34 -18.15
N VAL A 315 8.88 -2.09 -18.14
CA VAL A 315 9.76 -0.94 -18.29
C VAL A 315 10.79 -0.89 -17.17
N MET A 316 10.37 -1.28 -15.96
CA MET A 316 11.30 -1.30 -14.83
C MET A 316 12.26 -2.49 -14.95
N ARG A 317 11.77 -3.62 -15.47
CA ARG A 317 12.63 -4.80 -15.63
C ARG A 317 13.74 -4.46 -16.63
N ILE A 318 13.46 -3.51 -17.52
CA ILE A 318 14.40 -3.11 -18.54
C ILE A 318 15.34 -1.97 -18.11
N ALA A 319 14.78 -0.90 -17.54
CA ALA A 319 15.57 0.26 -17.15
C ALA A 319 15.85 0.51 -15.67
N ALA A 320 15.30 -0.33 -14.79
CA ALA A 320 15.52 -0.16 -13.35
C ALA A 320 14.96 -1.38 -12.60
N PRO A 321 15.58 -2.55 -12.79
CA PRO A 321 15.20 -3.82 -12.18
C PRO A 321 14.94 -3.81 -10.67
N ALA A 322 15.59 -2.89 -9.96
CA ALA A 322 15.42 -2.81 -8.51
C ALA A 322 14.06 -2.27 -8.09
N VAL A 323 13.39 -1.56 -8.98
CA VAL A 323 12.11 -0.98 -8.63
C VAL A 323 10.92 -1.93 -8.69
N PHE A 324 10.33 -2.18 -7.53
CA PHE A 324 9.16 -3.04 -7.40
C PHE A 324 7.90 -2.20 -7.20
N PHE A 325 6.74 -2.81 -7.45
CA PHE A 325 5.47 -2.11 -7.30
C PHE A 325 4.65 -2.63 -6.13
N LYS A 326 3.97 -1.72 -5.45
CA LYS A 326 3.10 -2.06 -4.34
C LYS A 326 1.67 -1.65 -4.72
N SER A 327 0.82 -2.63 -5.01
CA SER A 327 -0.56 -2.36 -5.35
C SER A 327 -1.30 -1.89 -4.11
N GLN A 328 -2.24 -0.96 -4.28
CA GLN A 328 -3.01 -0.47 -3.14
C GLN A 328 -4.51 -0.53 -3.40
N ALA A 329 -4.91 -1.54 -4.17
CA ALA A 329 -6.31 -1.74 -4.52
C ALA A 329 -7.17 -2.13 -3.32
N ILE A 330 -8.08 -1.25 -2.94
CA ILE A 330 -8.97 -1.51 -1.82
C ILE A 330 -10.31 -1.82 -2.47
N VAL A 331 -10.43 -3.06 -2.92
CA VAL A 331 -11.64 -3.52 -3.62
C VAL A 331 -12.04 -4.92 -3.15
N HIS A 332 -12.94 -5.56 -3.89
CA HIS A 332 -13.39 -6.91 -3.54
C HIS A 332 -12.17 -7.82 -3.47
N PRO A 333 -12.12 -8.72 -2.47
CA PRO A 333 -10.96 -9.62 -2.37
C PRO A 333 -10.58 -10.34 -3.67
N ASP A 334 -11.58 -10.76 -4.45
CA ASP A 334 -11.29 -11.46 -5.71
C ASP A 334 -10.50 -10.56 -6.66
N GLN A 335 -10.77 -9.25 -6.60
CA GLN A 335 -10.08 -8.30 -7.47
C GLN A 335 -8.74 -7.86 -6.88
N VAL A 336 -8.67 -7.76 -5.56
CA VAL A 336 -7.43 -7.36 -4.91
C VAL A 336 -6.25 -8.20 -5.35
N VAL A 337 -6.42 -9.51 -5.26
CA VAL A 337 -5.35 -10.46 -5.57
C VAL A 337 -4.91 -10.50 -7.04
N GLN A 338 -5.75 -10.02 -7.95
CA GLN A 338 -5.40 -10.04 -9.37
C GLN A 338 -4.31 -9.04 -9.75
N TYR A 339 -4.01 -8.11 -8.86
CA TYR A 339 -2.96 -7.12 -9.13
C TYR A 339 -1.61 -7.64 -8.70
N ILE A 340 -1.62 -8.68 -7.88
CA ILE A 340 -0.40 -9.24 -7.35
C ILE A 340 0.19 -10.35 -8.22
N GLY A 341 1.35 -10.05 -8.80
CA GLY A 341 2.03 -11.00 -9.66
C GLY A 341 3.45 -10.52 -9.89
N GLN A 342 4.36 -11.45 -10.13
CA GLN A 342 5.74 -11.07 -10.36
C GLN A 342 5.84 -10.09 -11.53
N ASP A 343 5.00 -10.29 -12.55
CA ASP A 343 5.04 -9.41 -13.72
C ASP A 343 4.07 -8.22 -13.66
N GLU A 344 3.40 -8.04 -12.53
CA GLU A 344 2.48 -6.91 -12.36
C GLU A 344 2.94 -6.20 -11.08
N CYS A 345 2.19 -6.32 -9.99
CA CYS A 345 2.61 -5.73 -8.72
C CYS A 345 3.14 -6.88 -7.85
N GLN A 346 4.45 -6.87 -7.56
CA GLN A 346 5.06 -7.93 -6.76
C GLN A 346 4.52 -8.01 -5.34
N ILE A 347 4.06 -6.88 -4.80
CA ILE A 347 3.47 -6.88 -3.46
C ILE A 347 2.24 -5.99 -3.51
N GLY A 348 1.35 -6.15 -2.55
CA GLY A 348 0.16 -5.32 -2.53
C GLY A 348 -0.45 -5.29 -1.16
N TYR A 349 -1.14 -4.20 -0.84
CA TYR A 349 -1.79 -4.09 0.45
C TYR A 349 -2.79 -5.23 0.61
N ASN A 350 -2.91 -5.72 1.84
CA ASN A 350 -3.81 -6.81 2.17
C ASN A 350 -4.98 -6.24 2.98
N PRO A 351 -5.87 -5.48 2.32
CA PRO A 351 -7.00 -4.89 3.05
C PRO A 351 -7.95 -5.89 3.67
N LEU A 352 -8.01 -7.10 3.13
CA LEU A 352 -8.91 -8.09 3.69
C LEU A 352 -8.47 -8.46 5.11
N GLN A 353 -7.20 -8.79 5.28
CA GLN A 353 -6.72 -9.15 6.60
C GLN A 353 -6.87 -7.98 7.56
N MET A 354 -6.50 -6.79 7.10
CA MET A 354 -6.58 -5.59 7.92
C MET A 354 -8.02 -5.30 8.38
N ALA A 355 -8.96 -5.31 7.46
CA ALA A 355 -10.36 -5.04 7.81
C ALA A 355 -10.92 -6.11 8.76
N LEU A 356 -10.50 -7.35 8.57
CA LEU A 356 -10.98 -8.44 9.42
C LEU A 356 -10.36 -8.43 10.82
N LEU A 357 -9.20 -7.82 10.96
CA LEU A 357 -8.56 -7.74 12.27
C LEU A 357 -9.49 -6.90 13.14
N TRP A 358 -9.89 -5.76 12.61
CA TRP A 358 -10.79 -4.86 13.32
C TRP A 358 -12.17 -5.47 13.52
N ASN A 359 -12.65 -6.19 12.50
CA ASN A 359 -13.93 -6.85 12.59
C ASN A 359 -13.94 -7.84 13.76
N THR A 360 -12.86 -8.60 13.87
CA THR A 360 -12.75 -9.60 14.92
C THR A 360 -12.70 -8.97 16.31
N LEU A 361 -12.07 -7.81 16.44
CA LEU A 361 -12.05 -7.15 17.75
C LEU A 361 -13.47 -6.79 18.17
N ALA A 362 -14.29 -6.37 17.20
CA ALA A 362 -15.66 -5.97 17.48
C ALA A 362 -16.58 -7.15 17.79
N THR A 363 -16.52 -8.19 16.96
CA THR A 363 -17.36 -9.37 17.14
C THR A 363 -16.82 -10.38 18.13
N ARG A 364 -15.51 -10.38 18.35
CA ARG A 364 -14.84 -11.34 19.24
C ARG A 364 -14.83 -12.72 18.59
N GLU A 365 -15.29 -12.78 17.33
CA GLU A 365 -15.34 -14.04 16.58
C GLU A 365 -14.35 -14.05 15.43
N VAL A 366 -13.50 -15.07 15.39
CA VAL A 366 -12.49 -15.16 14.35
C VAL A 366 -12.96 -15.83 13.06
N ASN A 367 -14.23 -16.19 12.99
CA ASN A 367 -14.79 -16.85 11.81
C ASN A 367 -14.36 -16.27 10.47
N LEU A 368 -14.62 -14.99 10.25
CA LEU A 368 -14.24 -14.35 8.98
C LEU A 368 -12.74 -14.30 8.80
N LEU A 369 -12.03 -13.99 9.88
CA LEU A 369 -10.58 -13.91 9.83
C LEU A 369 -9.99 -15.28 9.45
N HIS A 370 -10.46 -16.32 10.13
CA HIS A 370 -9.99 -17.68 9.85
C HIS A 370 -10.23 -18.03 8.38
N GLN A 371 -11.44 -17.75 7.91
CA GLN A 371 -11.82 -18.03 6.53
C GLN A 371 -10.82 -17.36 5.57
N ALA A 372 -10.53 -16.08 5.82
CA ALA A 372 -9.59 -15.34 4.98
C ALA A 372 -8.18 -15.90 5.03
N LEU A 373 -7.68 -16.24 6.21
CA LEU A 373 -6.33 -16.78 6.33
C LEU A 373 -6.23 -18.16 5.69
N THR A 374 -7.35 -18.88 5.68
CA THR A 374 -7.38 -20.21 5.11
C THR A 374 -7.47 -20.26 3.59
N TYR A 375 -8.32 -19.40 3.02
CA TYR A 375 -8.54 -19.40 1.58
C TYR A 375 -8.01 -18.23 0.74
N ARG A 376 -7.63 -17.13 1.38
CA ARG A 376 -7.15 -15.99 0.61
C ARG A 376 -5.80 -15.45 1.02
N HIS A 377 -5.01 -16.22 1.75
CA HIS A 377 -3.70 -15.72 2.18
C HIS A 377 -2.53 -16.06 1.27
N ASN A 378 -2.37 -17.34 0.95
CA ASN A 378 -1.26 -17.76 0.11
C ASN A 378 -1.31 -17.07 -1.25
N LEU A 379 -0.14 -16.69 -1.75
CA LEU A 379 -0.02 -15.99 -3.03
C LEU A 379 0.93 -16.71 -3.99
N PRO A 380 0.95 -16.28 -5.26
CA PRO A 380 1.82 -16.90 -6.26
C PRO A 380 3.26 -16.72 -5.80
N GLU A 381 4.17 -17.51 -6.36
CA GLU A 381 5.56 -17.39 -5.99
C GLU A 381 6.11 -16.02 -6.39
N HIS A 382 7.10 -15.56 -5.64
CA HIS A 382 7.74 -14.28 -5.89
C HIS A 382 6.85 -13.05 -5.67
N THR A 383 5.82 -13.21 -4.85
CA THR A 383 4.94 -12.10 -4.53
C THR A 383 4.65 -12.15 -3.04
N ALA A 384 4.21 -11.02 -2.48
CA ALA A 384 3.89 -10.97 -1.06
C ALA A 384 2.85 -9.93 -0.73
N TRP A 385 2.19 -10.14 0.41
CA TRP A 385 1.19 -9.19 0.89
C TRP A 385 1.93 -8.15 1.72
N VAL A 386 1.35 -6.97 1.82
CA VAL A 386 1.88 -5.95 2.71
C VAL A 386 0.76 -5.97 3.75
N ASN A 387 1.05 -6.53 4.92
CA ASN A 387 0.06 -6.62 5.99
C ASN A 387 0.14 -5.39 6.88
N TYR A 388 -1.02 -4.84 7.21
CA TYR A 388 -1.04 -3.63 8.04
C TYR A 388 -2.23 -3.60 8.99
N VAL A 389 -2.17 -2.68 9.95
CA VAL A 389 -3.23 -2.53 10.94
C VAL A 389 -4.00 -1.25 10.63
N ARG A 390 -3.27 -0.21 10.24
CA ARG A 390 -3.87 1.08 9.88
C ARG A 390 -2.99 1.74 8.82
N SER A 391 -3.52 2.79 8.22
CA SER A 391 -2.81 3.55 7.20
C SER A 391 -3.29 4.99 7.30
N HIS A 392 -2.87 5.81 6.34
CA HIS A 392 -3.27 7.21 6.29
C HIS A 392 -4.75 7.32 5.92
N ASP A 393 -5.32 6.21 5.43
CA ASP A 393 -6.72 6.20 5.03
C ASP A 393 -7.68 5.60 6.04
N ASP A 394 -8.95 5.85 5.77
CA ASP A 394 -10.06 5.34 6.55
C ASP A 394 -10.08 3.82 6.39
N ILE A 395 -10.85 3.15 7.23
CA ILE A 395 -11.00 1.70 7.17
C ILE A 395 -12.28 1.37 6.41
N GLY A 396 -12.16 0.51 5.39
CA GLY A 396 -13.32 0.10 4.61
C GLY A 396 -13.57 -1.37 4.93
N TRP A 397 -14.83 -1.78 4.99
CA TRP A 397 -15.15 -3.16 5.31
C TRP A 397 -15.22 -3.98 4.02
N THR A 398 -14.05 -4.14 3.41
CA THR A 398 -13.94 -4.84 2.15
C THR A 398 -13.84 -6.35 2.16
N PHE A 399 -14.60 -7.01 3.04
CA PHE A 399 -14.60 -8.46 3.07
C PHE A 399 -15.60 -8.84 1.97
N ALA A 400 -15.59 -10.08 1.52
CA ALA A 400 -16.49 -10.51 0.46
C ALA A 400 -17.87 -10.95 0.98
N ASP A 401 -18.92 -10.36 0.41
CA ASP A 401 -20.28 -10.71 0.81
C ASP A 401 -20.53 -12.20 0.62
N GLU A 402 -19.98 -12.73 -0.46
CA GLU A 402 -20.14 -14.14 -0.79
C GLU A 402 -19.51 -15.00 0.29
N ASP A 403 -18.34 -14.58 0.77
CA ASP A 403 -17.64 -15.30 1.83
C ASP A 403 -18.49 -15.26 3.10
N ALA A 404 -18.94 -14.07 3.47
CA ALA A 404 -19.75 -13.90 4.66
C ALA A 404 -21.03 -14.71 4.58
N ALA A 405 -21.64 -14.74 3.39
CA ALA A 405 -22.88 -15.50 3.19
C ALA A 405 -22.68 -16.96 3.57
N TYR A 406 -21.53 -17.52 3.23
CA TYR A 406 -21.23 -18.91 3.55
C TYR A 406 -21.27 -19.13 5.06
N LEU A 407 -20.92 -18.08 5.81
CA LEU A 407 -20.91 -18.17 7.26
C LEU A 407 -22.23 -17.74 7.88
N GLY A 408 -23.23 -17.51 7.03
CA GLY A 408 -24.54 -17.10 7.52
C GLY A 408 -24.57 -15.63 7.94
N ILE A 409 -23.68 -14.84 7.37
CA ILE A 409 -23.60 -13.43 7.69
C ILE A 409 -24.00 -12.54 6.52
N SER A 410 -24.88 -11.58 6.78
CA SER A 410 -25.33 -10.63 5.76
C SER A 410 -24.35 -9.47 5.73
N GLY A 411 -23.65 -9.32 4.61
CA GLY A 411 -22.67 -8.25 4.47
C GLY A 411 -23.21 -6.87 4.80
N TYR A 412 -24.32 -6.51 4.18
CA TYR A 412 -24.91 -5.20 4.43
C TYR A 412 -25.18 -4.99 5.92
N ASP A 413 -25.92 -5.90 6.53
CA ASP A 413 -26.24 -5.80 7.94
C ASP A 413 -25.00 -5.78 8.82
N HIS A 414 -24.01 -6.60 8.47
CA HIS A 414 -22.80 -6.67 9.26
C HIS A 414 -22.00 -5.38 9.20
N ARG A 415 -21.90 -4.77 8.02
CA ARG A 415 -21.17 -3.52 7.89
C ARG A 415 -21.84 -2.42 8.70
N GLN A 416 -23.18 -2.44 8.74
CA GLN A 416 -23.92 -1.45 9.52
C GLN A 416 -23.48 -1.56 10.98
N PHE A 417 -23.35 -2.80 11.46
CA PHE A 417 -22.91 -3.02 12.83
C PHE A 417 -21.49 -2.50 13.04
N LEU A 418 -20.57 -2.92 12.18
CA LEU A 418 -19.17 -2.51 12.29
C LEU A 418 -19.02 -0.99 12.30
N ASN A 419 -19.72 -0.32 11.40
CA ASN A 419 -19.64 1.13 11.34
C ASN A 419 -20.15 1.76 12.63
N ARG A 420 -21.24 1.24 13.16
CA ARG A 420 -21.80 1.75 14.40
C ARG A 420 -20.84 1.52 15.55
N PHE A 421 -20.30 0.30 15.62
CA PHE A 421 -19.39 -0.07 16.69
C PHE A 421 -18.14 0.80 16.75
N PHE A 422 -17.49 0.99 15.59
CA PHE A 422 -16.26 1.76 15.58
C PHE A 422 -16.38 3.29 15.67
N VAL A 423 -17.59 3.82 15.61
CA VAL A 423 -17.78 5.26 15.77
C VAL A 423 -18.50 5.50 17.10
N ASN A 424 -18.42 4.49 17.96
CA ASN A 424 -19.03 4.52 19.29
C ASN A 424 -20.53 4.77 19.30
N ARG A 425 -21.26 4.06 18.45
CA ARG A 425 -22.71 4.17 18.40
C ARG A 425 -23.29 2.78 18.60
N PHE A 426 -22.63 2.00 19.44
CA PHE A 426 -23.05 0.65 19.79
C PHE A 426 -22.77 0.47 21.27
N ASP A 427 -23.78 0.17 22.05
CA ASP A 427 -23.64 -0.01 23.49
C ASP A 427 -22.42 -0.84 23.87
N GLY A 428 -21.60 -0.28 24.76
CA GLY A 428 -20.41 -0.99 25.24
C GLY A 428 -19.16 -0.91 24.38
N SER A 429 -19.26 -0.30 23.20
CA SER A 429 -18.10 -0.20 22.32
C SER A 429 -16.92 0.54 22.96
N PHE A 430 -15.72 0.00 22.71
CA PHE A 430 -14.49 0.59 23.23
C PHE A 430 -13.85 1.50 22.18
N ALA A 431 -14.38 1.45 20.96
CA ALA A 431 -13.85 2.25 19.86
C ALA A 431 -14.27 3.73 19.87
N ARG A 432 -13.33 4.59 19.49
CA ARG A 432 -13.61 6.02 19.44
C ARG A 432 -13.18 6.59 18.09
N GLY A 433 -13.76 6.04 17.04
CA GLY A 433 -13.46 6.49 15.68
C GLY A 433 -14.52 7.46 15.21
N VAL A 434 -14.34 8.01 14.01
CA VAL A 434 -15.31 8.95 13.45
C VAL A 434 -15.67 8.49 12.03
N PRO A 435 -16.92 8.75 11.60
CA PRO A 435 -17.31 8.34 10.26
C PRO A 435 -16.60 9.04 9.12
N PHE A 436 -16.61 8.38 7.96
CA PHE A 436 -16.00 8.94 6.77
C PHE A 436 -16.79 8.53 5.54
N GLN A 437 -17.26 9.53 4.80
CA GLN A 437 -18.02 9.31 3.58
C GLN A 437 -19.26 8.46 3.71
N TYR A 438 -20.09 8.73 4.71
CA TYR A 438 -21.33 7.98 4.83
C TYR A 438 -22.09 8.32 3.56
N ASN A 439 -22.48 7.29 2.80
CA ASN A 439 -23.21 7.52 1.55
C ASN A 439 -24.69 7.18 1.76
N PRO A 440 -25.54 8.21 1.83
CA PRO A 440 -26.98 8.02 2.04
C PRO A 440 -27.70 7.21 0.96
N SER A 441 -27.16 7.18 -0.25
CA SER A 441 -27.82 6.43 -1.32
C SER A 441 -27.40 4.97 -1.37
N THR A 442 -26.41 4.57 -0.56
CA THR A 442 -25.96 3.18 -0.56
C THR A 442 -25.88 2.57 0.84
N GLY A 443 -25.84 3.41 1.86
CA GLY A 443 -25.74 2.91 3.23
C GLY A 443 -24.29 2.63 3.61
N ASP A 444 -23.39 2.81 2.66
CA ASP A 444 -21.97 2.57 2.91
C ASP A 444 -21.35 3.69 3.74
N CYS A 445 -20.32 3.34 4.50
CA CYS A 445 -19.60 4.28 5.34
C CYS A 445 -18.26 3.66 5.75
N ARG A 446 -17.26 4.50 5.96
CA ARG A 446 -15.95 4.03 6.37
C ARG A 446 -15.60 4.64 7.71
N VAL A 447 -14.51 4.19 8.32
CA VAL A 447 -14.12 4.69 9.63
C VAL A 447 -12.74 5.33 9.68
N SER A 448 -12.66 6.45 10.38
CA SER A 448 -11.41 7.17 10.58
C SER A 448 -11.04 7.07 12.06
N GLY A 449 -9.75 7.18 12.36
CA GLY A 449 -9.28 7.09 13.72
C GLY A 449 -8.02 6.27 13.80
N THR A 450 -7.12 6.61 14.72
CA THR A 450 -5.87 5.88 14.87
C THR A 450 -6.11 4.52 15.49
N ALA A 451 -5.13 3.63 15.36
CA ALA A 451 -5.25 2.30 15.93
C ALA A 451 -5.56 2.39 17.42
N ALA A 452 -4.85 3.29 18.10
CA ALA A 452 -5.04 3.47 19.54
C ALA A 452 -6.43 3.95 19.89
N ALA A 453 -6.97 4.87 19.09
CA ALA A 453 -8.29 5.42 19.33
C ALA A 453 -9.38 4.35 19.12
N LEU A 454 -9.17 3.47 18.16
CA LEU A 454 -10.14 2.42 17.86
C LEU A 454 -10.16 1.28 18.88
N VAL A 455 -9.09 1.10 19.64
CA VAL A 455 -9.02 0.03 20.63
C VAL A 455 -9.40 0.50 22.04
N GLY A 456 -9.65 1.81 22.18
CA GLY A 456 -10.04 2.34 23.47
C GLY A 456 -8.95 2.95 24.34
N LEU A 457 -7.80 3.29 23.75
CA LEU A 457 -6.73 3.86 24.55
C LEU A 457 -7.04 5.30 24.95
N ALA A 458 -7.88 5.95 24.16
CA ALA A 458 -8.26 7.33 24.44
C ALA A 458 -8.91 7.45 25.82
N GLN A 459 -9.72 6.46 26.19
CA GLN A 459 -10.39 6.48 27.49
C GLN A 459 -9.66 5.58 28.49
N ASP A 460 -8.44 5.19 28.16
CA ASP A 460 -7.62 4.36 29.03
C ASP A 460 -8.22 2.98 29.32
N ASP A 461 -8.88 2.40 28.32
CA ASP A 461 -9.46 1.07 28.46
C ASP A 461 -8.30 0.14 28.80
N PRO A 462 -8.39 -0.58 29.94
CA PRO A 462 -7.31 -1.49 30.33
C PRO A 462 -6.91 -2.55 29.30
N HIS A 463 -7.78 -2.83 28.33
CA HIS A 463 -7.46 -3.82 27.31
C HIS A 463 -6.83 -3.20 26.06
N ALA A 464 -6.89 -1.87 25.97
CA ALA A 464 -6.34 -1.16 24.81
C ALA A 464 -4.94 -1.59 24.36
N VAL A 465 -3.99 -1.55 25.27
CA VAL A 465 -2.62 -1.93 24.93
C VAL A 465 -2.51 -3.35 24.38
N ASP A 466 -3.20 -4.30 25.00
CA ASP A 466 -3.13 -5.67 24.54
C ASP A 466 -3.75 -5.83 23.16
N ARG A 467 -4.82 -5.08 22.91
CA ARG A 467 -5.48 -5.16 21.61
C ARG A 467 -4.53 -4.73 20.50
N ILE A 468 -3.78 -3.66 20.75
CA ILE A 468 -2.83 -3.15 19.78
C ILE A 468 -1.77 -4.18 19.46
N LYS A 469 -1.18 -4.77 20.49
CA LYS A 469 -0.15 -5.79 20.31
C LYS A 469 -0.71 -7.00 19.58
N LEU A 470 -1.96 -7.34 19.86
CA LEU A 470 -2.58 -8.49 19.22
C LEU A 470 -2.72 -8.27 17.72
N LEU A 471 -3.26 -7.13 17.31
CA LEU A 471 -3.43 -6.85 15.89
C LEU A 471 -2.11 -6.84 15.15
N TYR A 472 -1.14 -6.13 15.69
CA TYR A 472 0.17 -6.05 15.06
C TYR A 472 0.87 -7.41 15.04
N SER A 473 0.62 -8.25 16.04
CA SER A 473 1.26 -9.56 16.07
C SER A 473 0.87 -10.36 14.83
N ILE A 474 -0.38 -10.22 14.42
CA ILE A 474 -0.88 -10.95 13.25
C ILE A 474 -0.33 -10.40 11.95
N ALA A 475 -0.20 -9.08 11.85
CA ALA A 475 0.35 -8.47 10.64
C ALA A 475 1.82 -8.82 10.55
N LEU A 476 2.46 -8.98 11.71
CA LEU A 476 3.88 -9.29 11.78
C LEU A 476 4.25 -10.76 11.59
N SER A 477 3.29 -11.67 11.74
CA SER A 477 3.61 -13.08 11.63
C SER A 477 2.85 -13.98 10.66
N THR A 478 1.86 -13.43 9.95
CA THR A 478 1.09 -14.28 9.04
C THR A 478 1.85 -14.61 7.75
N GLY A 479 2.84 -13.79 7.42
CA GLY A 479 3.59 -14.01 6.20
C GLY A 479 3.30 -12.84 5.28
N GLY A 480 4.33 -12.08 4.97
CA GLY A 480 4.18 -10.92 4.13
C GLY A 480 4.99 -9.81 4.78
N LEU A 481 5.07 -8.65 4.13
CA LEU A 481 5.86 -7.56 4.67
C LEU A 481 4.94 -6.65 5.48
N PRO A 482 5.15 -6.59 6.81
CA PRO A 482 4.34 -5.75 7.70
C PRO A 482 4.69 -4.27 7.61
N LEU A 483 3.66 -3.44 7.57
CA LEU A 483 3.86 -2.00 7.45
C LEU A 483 3.22 -1.28 8.62
N ILE A 484 4.06 -0.79 9.54
CA ILE A 484 3.61 -0.09 10.73
C ILE A 484 3.26 1.38 10.44
N TYR A 485 2.10 1.83 10.92
CA TYR A 485 1.73 3.23 10.72
C TYR A 485 2.48 3.94 11.85
N LEU A 486 3.61 4.55 11.53
CA LEU A 486 4.43 5.22 12.54
C LEU A 486 3.60 6.14 13.43
N GLY A 487 3.74 5.92 14.74
CA GLY A 487 2.99 6.68 15.72
C GLY A 487 2.18 5.66 16.50
N ASP A 488 1.83 4.56 15.85
CA ASP A 488 1.07 3.49 16.48
C ASP A 488 1.90 2.78 17.55
N GLU A 489 3.21 2.72 17.33
CA GLU A 489 4.11 2.04 18.25
C GLU A 489 4.23 2.68 19.63
N VAL A 490 3.62 3.86 19.80
CA VAL A 490 3.64 4.54 21.08
C VAL A 490 2.20 4.89 21.51
N GLY A 491 1.24 4.34 20.78
CA GLY A 491 -0.17 4.58 21.08
C GLY A 491 -0.69 5.98 20.79
N THR A 492 -0.27 6.57 19.68
CA THR A 492 -0.72 7.93 19.33
C THR A 492 -2.22 8.02 19.07
N LEU A 493 -2.85 9.02 19.66
CA LEU A 493 -4.29 9.22 19.54
C LEU A 493 -4.69 10.10 18.36
N ASN A 494 -5.99 10.32 18.19
CA ASN A 494 -6.47 11.15 17.10
C ASN A 494 -6.01 12.59 17.22
N ASP A 495 -5.93 13.27 16.07
CA ASP A 495 -5.57 14.68 16.05
C ASP A 495 -6.86 15.38 16.44
N ASP A 496 -6.79 16.32 17.37
CA ASP A 496 -8.02 17.01 17.80
C ASP A 496 -8.15 18.45 17.36
N ASP A 497 -7.71 18.74 16.13
CA ASP A 497 -7.79 20.08 15.59
C ASP A 497 -8.37 20.04 14.17
N TRP A 498 -8.18 18.91 13.51
CA TRP A 498 -8.64 18.74 12.14
C TRP A 498 -10.06 19.20 11.86
N SER A 499 -11.01 18.84 12.74
CA SER A 499 -12.40 19.22 12.51
C SER A 499 -12.64 20.72 12.51
N GLN A 500 -11.69 21.47 13.07
CA GLN A 500 -11.79 22.92 13.14
C GLN A 500 -11.02 23.60 12.01
N ASP A 501 -10.13 22.84 11.39
CA ASP A 501 -9.30 23.33 10.29
C ASP A 501 -10.06 23.40 8.96
N SER A 502 -10.29 24.61 8.49
CA SER A 502 -10.99 24.86 7.24
C SER A 502 -10.58 23.97 6.07
N ASN A 503 -9.30 23.62 6.01
CA ASN A 503 -8.81 22.78 4.91
C ASN A 503 -8.91 21.29 5.17
N LYS A 504 -9.35 20.90 6.36
CA LYS A 504 -9.45 19.49 6.73
C LYS A 504 -10.83 19.06 7.22
N SER A 505 -11.57 20.00 7.80
CA SER A 505 -12.88 19.71 8.39
C SER A 505 -13.84 18.82 7.61
N ASP A 506 -13.72 18.78 6.30
CA ASP A 506 -14.61 17.95 5.49
C ASP A 506 -13.99 16.61 5.11
N ASP A 507 -12.87 16.27 5.75
CA ASP A 507 -12.16 15.02 5.50
C ASP A 507 -11.71 14.47 6.86
N SER A 508 -12.52 13.59 7.45
CA SER A 508 -12.23 13.03 8.76
C SER A 508 -10.99 12.15 8.84
N ARG A 509 -10.38 11.85 7.70
CA ARG A 509 -9.19 11.02 7.71
C ARG A 509 -8.07 11.75 8.46
N TRP A 510 -8.16 13.07 8.51
CA TRP A 510 -7.15 13.86 9.22
C TRP A 510 -7.16 13.57 10.71
N ALA A 511 -8.23 12.94 11.20
CA ALA A 511 -8.32 12.58 12.61
C ALA A 511 -7.21 11.59 12.96
N HIS A 512 -6.90 10.70 12.02
CA HIS A 512 -5.86 9.70 12.26
C HIS A 512 -4.54 10.05 11.58
N ARG A 513 -4.28 11.34 11.40
CA ARG A 513 -3.04 11.81 10.81
C ARG A 513 -2.42 12.82 11.76
N PRO A 514 -2.18 12.40 13.02
CA PRO A 514 -1.60 13.28 14.03
C PRO A 514 -0.11 13.53 13.80
N ARG A 515 0.40 14.54 14.48
CA ARG A 515 1.81 14.87 14.37
C ARG A 515 2.61 14.00 15.33
N TYR A 516 3.92 14.01 15.16
CA TYR A 516 4.81 13.25 16.04
C TYR A 516 4.52 13.71 17.46
N ASN A 517 4.24 12.76 18.37
CA ASN A 517 3.95 13.10 19.75
C ASN A 517 5.21 12.96 20.61
N GLU A 518 5.89 14.08 20.84
CA GLU A 518 7.12 14.10 21.63
C GLU A 518 6.95 13.44 22.98
N ALA A 519 5.83 13.71 23.66
CA ALA A 519 5.57 13.15 24.97
C ALA A 519 5.49 11.62 24.96
N LEU A 520 4.75 11.05 24.01
CA LEU A 520 4.62 9.60 23.94
C LEU A 520 5.94 8.95 23.56
N TYR A 521 6.66 9.53 22.60
CA TYR A 521 7.93 8.95 22.21
C TYR A 521 8.93 8.98 23.35
N ALA A 522 8.84 10.00 24.20
CA ALA A 522 9.74 10.13 25.35
C ALA A 522 9.47 9.04 26.38
N GLN A 523 8.32 8.39 26.29
CA GLN A 523 7.96 7.33 27.23
C GLN A 523 8.10 5.93 26.67
N ARG A 524 8.63 5.80 25.46
CA ARG A 524 8.74 4.47 24.86
C ARG A 524 9.57 3.43 25.59
N ASN A 525 10.49 3.87 26.44
CA ASN A 525 11.30 2.92 27.20
C ASN A 525 10.86 2.79 28.66
N ASP A 526 9.72 3.39 28.99
CA ASP A 526 9.16 3.33 30.35
C ASP A 526 8.06 2.27 30.38
N PRO A 527 8.33 1.09 30.96
CA PRO A 527 7.36 0.00 31.05
C PRO A 527 6.06 0.31 31.80
N SER A 528 6.04 1.40 32.54
CA SER A 528 4.85 1.78 33.31
C SER A 528 3.86 2.64 32.53
N THR A 529 4.22 3.01 31.30
CA THR A 529 3.35 3.84 30.48
C THR A 529 2.77 3.02 29.32
N ALA A 530 1.66 3.48 28.76
CA ALA A 530 1.04 2.77 27.64
C ALA A 530 1.99 2.82 26.45
N ALA A 531 2.65 3.96 26.28
CA ALA A 531 3.59 4.13 25.17
C ALA A 531 4.71 3.10 25.29
N GLY A 532 5.23 2.93 26.50
CA GLY A 532 6.31 1.99 26.72
C GLY A 532 5.86 0.56 26.52
N GLN A 533 4.68 0.23 27.06
CA GLN A 533 4.13 -1.11 26.93
C GLN A 533 3.94 -1.45 25.46
N ILE A 534 3.36 -0.52 24.71
CA ILE A 534 3.13 -0.74 23.28
C ILE A 534 4.47 -0.86 22.53
N TYR A 535 5.35 0.11 22.73
CA TYR A 535 6.63 0.10 22.03
C TYR A 535 7.44 -1.17 22.29
N GLN A 536 7.64 -1.49 23.57
CA GLN A 536 8.42 -2.69 23.92
C GLN A 536 7.73 -3.95 23.42
N GLY A 537 6.40 -3.98 23.50
CA GLY A 537 5.66 -5.14 23.03
C GLY A 537 5.89 -5.34 21.54
N LEU A 538 5.65 -4.29 20.77
CA LEU A 538 5.84 -4.37 19.31
C LEU A 538 7.30 -4.59 18.92
N ARG A 539 8.21 -3.88 19.58
CA ARG A 539 9.63 -4.01 19.27
C ARG A 539 10.11 -5.45 19.48
N HIS A 540 9.59 -6.11 20.52
CA HIS A 540 9.96 -7.49 20.80
C HIS A 540 9.48 -8.41 19.66
N MET A 541 8.25 -8.22 19.21
CA MET A 541 7.74 -9.05 18.12
C MET A 541 8.55 -8.80 16.86
N ILE A 542 8.97 -7.55 16.66
CA ILE A 542 9.78 -7.20 15.50
C ILE A 542 11.12 -7.92 15.61
N ALA A 543 11.71 -7.88 16.80
CA ALA A 543 12.99 -8.54 17.03
C ALA A 543 12.87 -10.04 16.75
N VAL A 544 11.80 -10.65 17.25
CA VAL A 544 11.58 -12.09 17.04
C VAL A 544 11.34 -12.41 15.57
N ARG A 545 10.45 -11.65 14.93
CA ARG A 545 10.15 -11.88 13.51
C ARG A 545 11.39 -11.87 12.64
N GLN A 546 12.22 -10.85 12.83
CA GLN A 546 13.42 -10.69 12.02
C GLN A 546 14.58 -11.67 12.28
N SER A 547 14.71 -12.15 13.51
CA SER A 547 15.80 -13.07 13.82
C SER A 547 15.43 -14.55 13.70
N ASN A 548 14.14 -14.85 13.79
CA ASN A 548 13.67 -16.23 13.74
C ASN A 548 13.21 -16.63 12.34
N PRO A 549 13.98 -17.51 11.67
CA PRO A 549 13.66 -17.98 10.32
C PRO A 549 12.30 -18.69 10.16
N ARG A 550 11.68 -19.07 11.27
CA ARG A 550 10.39 -19.75 11.19
C ARG A 550 9.29 -18.83 10.66
N PHE A 551 9.56 -17.53 10.60
CA PHE A 551 8.57 -16.57 10.10
C PHE A 551 8.79 -16.24 8.64
N ASP A 552 9.86 -16.77 8.05
CA ASP A 552 10.20 -16.48 6.67
C ASP A 552 9.15 -16.92 5.64
N GLY A 553 9.04 -16.15 4.56
CA GLY A 553 8.08 -16.47 3.53
C GLY A 553 6.70 -15.89 3.81
N GLY A 554 5.75 -16.13 2.91
CA GLY A 554 4.42 -15.62 3.09
C GLY A 554 3.31 -16.66 3.19
N ARG A 555 3.70 -17.93 3.28
CA ARG A 555 2.73 -19.02 3.35
C ARG A 555 2.36 -19.38 4.79
N LEU A 556 1.10 -19.78 4.99
CA LEU A 556 0.63 -20.20 6.30
C LEU A 556 -0.44 -21.26 6.14
N VAL A 557 -0.65 -22.01 7.22
CA VAL A 557 -1.66 -23.04 7.26
C VAL A 557 -2.45 -22.74 8.54
N THR A 558 -3.76 -22.53 8.40
CA THR A 558 -4.55 -22.22 9.59
C THR A 558 -4.70 -23.46 10.47
N PHE A 559 -4.93 -23.21 11.76
CA PHE A 559 -5.08 -24.27 12.74
C PHE A 559 -6.45 -24.12 13.39
N ASN A 560 -7.28 -25.15 13.30
CA ASN A 560 -8.61 -25.09 13.91
C ASN A 560 -8.45 -25.17 15.42
N THR A 561 -8.72 -24.07 16.11
CA THR A 561 -8.58 -23.99 17.56
C THR A 561 -9.77 -24.56 18.31
N ASN A 562 -10.90 -24.69 17.60
CA ASN A 562 -12.14 -25.17 18.19
C ASN A 562 -12.69 -24.21 19.24
N ASN A 563 -12.23 -22.97 19.16
CA ASN A 563 -12.69 -21.91 20.06
C ASN A 563 -12.94 -20.71 19.14
N LYS A 564 -14.21 -20.33 19.00
CA LYS A 564 -14.58 -19.25 18.11
C LYS A 564 -13.94 -17.89 18.39
N HIS A 565 -13.28 -17.77 19.53
CA HIS A 565 -12.62 -16.52 19.93
C HIS A 565 -11.12 -16.52 19.68
N ILE A 566 -10.55 -17.69 19.39
CA ILE A 566 -9.12 -17.80 19.19
C ILE A 566 -8.70 -18.14 17.77
N ILE A 567 -7.84 -17.30 17.19
CA ILE A 567 -7.35 -17.54 15.83
C ILE A 567 -6.09 -18.38 15.96
N GLY A 568 -5.84 -19.23 14.98
CA GLY A 568 -4.65 -20.06 15.03
C GLY A 568 -4.11 -20.36 13.65
N TYR A 569 -2.78 -20.38 13.54
CA TYR A 569 -2.15 -20.67 12.27
C TYR A 569 -0.70 -21.09 12.50
N ILE A 570 -0.15 -21.80 11.51
CA ILE A 570 1.22 -22.29 11.62
C ILE A 570 2.08 -21.78 10.48
N ARG A 571 3.28 -21.30 10.82
CA ARG A 571 4.23 -20.81 9.84
C ARG A 571 5.33 -21.85 9.68
N ASN A 572 5.66 -22.17 8.43
CA ASN A 572 6.70 -23.12 8.12
C ASN A 572 6.66 -24.41 8.91
N ASN A 573 5.45 -24.79 9.36
CA ASN A 573 5.26 -26.02 10.12
C ASN A 573 6.19 -26.06 11.34
N ALA A 574 6.53 -24.89 11.87
CA ALA A 574 7.43 -24.80 13.01
C ALA A 574 7.02 -23.73 14.03
N LEU A 575 6.09 -22.86 13.66
CA LEU A 575 5.63 -21.79 14.55
C LEU A 575 4.11 -21.78 14.61
N LEU A 576 3.56 -22.06 15.79
CA LEU A 576 2.13 -22.07 16.00
C LEU A 576 1.72 -20.79 16.72
N ALA A 577 0.92 -19.98 16.05
CA ALA A 577 0.47 -18.72 16.64
C ALA A 577 -0.98 -18.80 17.09
N PHE A 578 -1.25 -18.30 18.29
CA PHE A 578 -2.60 -18.27 18.83
C PHE A 578 -2.90 -16.84 19.22
N GLY A 579 -4.12 -16.39 18.93
CA GLY A 579 -4.51 -15.03 19.26
C GLY A 579 -5.92 -15.03 19.82
N ASN A 580 -6.06 -14.56 21.06
CA ASN A 580 -7.36 -14.52 21.70
C ASN A 580 -8.02 -13.16 21.49
N PHE A 581 -9.08 -13.14 20.70
CA PHE A 581 -9.78 -11.89 20.42
C PHE A 581 -10.92 -11.58 21.39
N SER A 582 -10.97 -12.33 22.49
CA SER A 582 -12.00 -12.12 23.49
C SER A 582 -11.41 -11.32 24.66
N GLU A 583 -12.25 -10.51 25.31
CA GLU A 583 -11.78 -9.74 26.45
C GLU A 583 -11.81 -10.62 27.71
N TYR A 584 -12.14 -11.90 27.52
CA TYR A 584 -12.20 -12.86 28.62
C TYR A 584 -11.22 -14.00 28.33
N PRO A 585 -10.80 -14.74 29.36
CA PRO A 585 -9.86 -15.85 29.15
C PRO A 585 -10.52 -16.88 28.22
N GLN A 586 -9.75 -17.45 27.30
CA GLN A 586 -10.29 -18.44 26.38
C GLN A 586 -9.35 -19.64 26.31
N THR A 587 -9.93 -20.83 26.20
CA THR A 587 -9.14 -22.05 26.19
C THR A 587 -9.08 -22.85 24.90
N VAL A 588 -7.92 -23.45 24.66
CA VAL A 588 -7.69 -24.34 23.53
C VAL A 588 -7.46 -25.66 24.26
N THR A 589 -8.41 -26.57 24.17
CA THR A 589 -8.34 -27.86 24.87
C THR A 589 -7.16 -28.75 24.54
N ALA A 590 -6.78 -29.59 25.50
CA ALA A 590 -5.68 -30.52 25.30
C ALA A 590 -6.05 -31.45 24.15
N HIS A 591 -7.35 -31.75 24.03
CA HIS A 591 -7.80 -32.62 22.96
C HIS A 591 -7.45 -32.02 21.59
N THR A 592 -7.69 -30.73 21.45
CA THR A 592 -7.40 -30.01 20.22
C THR A 592 -5.90 -30.00 19.93
N LEU A 593 -5.09 -30.02 20.98
CA LEU A 593 -3.63 -29.97 20.85
C LEU A 593 -2.88 -31.30 20.86
N GLN A 594 -3.60 -32.41 20.72
CA GLN A 594 -2.97 -33.74 20.75
C GLN A 594 -1.84 -33.98 19.75
N ALA A 595 -1.90 -33.31 18.60
CA ALA A 595 -0.87 -33.49 17.58
C ALA A 595 0.40 -32.69 17.86
N MET A 596 0.33 -31.78 18.83
CA MET A 596 1.46 -30.92 19.19
C MET A 596 2.40 -31.52 20.24
N PRO A 597 3.63 -30.98 20.34
CA PRO A 597 4.59 -31.48 21.32
C PRO A 597 4.06 -31.21 22.73
N PHE A 598 4.50 -31.99 23.71
CA PHE A 598 4.05 -31.81 25.09
C PHE A 598 4.37 -30.41 25.59
N LYS A 599 5.50 -29.87 25.13
CA LYS A 599 5.92 -28.54 25.53
C LYS A 599 6.46 -27.78 24.35
N ALA A 600 6.35 -26.46 24.40
CA ALA A 600 6.84 -25.60 23.35
C ALA A 600 7.15 -24.25 23.98
N HIS A 601 8.17 -23.59 23.46
CA HIS A 601 8.57 -22.28 23.95
C HIS A 601 7.73 -21.18 23.32
N ASP A 602 7.13 -20.33 24.14
CA ASP A 602 6.34 -19.21 23.63
C ASP A 602 7.26 -18.01 23.49
N LEU A 603 7.55 -17.64 22.24
CA LEU A 603 8.44 -16.51 21.95
C LEU A 603 7.90 -15.16 22.45
N ILE A 604 6.60 -15.06 22.68
CA ILE A 604 6.02 -13.81 23.14
C ILE A 604 6.32 -13.62 24.63
N GLY A 605 5.82 -14.53 25.45
CA GLY A 605 6.04 -14.43 26.88
C GLY A 605 7.39 -14.98 27.33
N GLY A 606 7.96 -15.85 26.50
CA GLY A 606 9.26 -16.43 26.80
C GLY A 606 9.21 -17.61 27.75
N LYS A 607 8.01 -18.06 28.10
CA LYS A 607 7.87 -19.19 29.01
C LYS A 607 7.60 -20.49 28.26
N THR A 608 7.80 -21.60 28.96
CA THR A 608 7.58 -22.91 28.39
C THR A 608 6.11 -23.24 28.59
N VAL A 609 5.42 -23.55 27.50
CA VAL A 609 4.00 -23.86 27.57
C VAL A 609 3.73 -25.34 27.39
N SER A 610 2.87 -25.89 28.24
CA SER A 610 2.51 -27.29 28.16
C SER A 610 1.30 -27.42 27.25
N LEU A 611 1.41 -28.24 26.21
CA LEU A 611 0.33 -28.41 25.26
C LEU A 611 -0.39 -29.76 25.43
N ASN A 612 -0.05 -30.49 26.48
CA ASN A 612 -0.66 -31.79 26.74
C ASN A 612 -1.77 -31.63 27.78
N GLN A 613 -2.21 -30.39 27.96
CA GLN A 613 -3.27 -30.05 28.88
C GLN A 613 -3.95 -28.81 28.30
N ASP A 614 -5.14 -28.46 28.81
CA ASP A 614 -5.84 -27.30 28.31
C ASP A 614 -4.95 -26.06 28.37
N LEU A 615 -4.96 -25.29 27.28
CA LEU A 615 -4.18 -24.07 27.18
C LEU A 615 -5.13 -22.88 27.30
N THR A 616 -5.06 -22.15 28.41
CA THR A 616 -5.93 -21.00 28.62
C THR A 616 -5.19 -19.71 28.33
N LEU A 617 -5.72 -18.94 27.38
CA LEU A 617 -5.13 -17.67 27.02
C LEU A 617 -5.82 -16.53 27.76
N GLN A 618 -5.04 -15.61 28.31
CA GLN A 618 -5.64 -14.48 29.00
C GLN A 618 -6.23 -13.57 27.93
N PRO A 619 -7.06 -12.60 28.35
CA PRO A 619 -7.69 -11.68 27.40
C PRO A 619 -6.70 -11.06 26.39
N TYR A 620 -7.03 -11.19 25.11
CA TYR A 620 -6.21 -10.64 24.04
C TYR A 620 -4.76 -11.14 24.01
N GLN A 621 -4.50 -12.25 24.69
CA GLN A 621 -3.15 -12.80 24.71
C GLN A 621 -2.74 -13.41 23.37
N VAL A 622 -1.46 -13.27 23.05
CA VAL A 622 -0.92 -13.83 21.83
C VAL A 622 0.23 -14.77 22.21
N MET A 623 0.31 -15.89 21.51
CA MET A 623 1.38 -16.86 21.75
C MET A 623 2.00 -17.27 20.42
N TRP A 624 3.33 -17.30 20.40
CA TRP A 624 4.08 -17.73 19.22
C TRP A 624 4.89 -18.93 19.68
N LEU A 625 4.27 -20.11 19.58
CA LEU A 625 4.88 -21.35 20.04
C LEU A 625 5.75 -22.05 19.00
N GLU A 626 7.01 -22.31 19.36
CA GLU A 626 7.91 -23.01 18.45
C GLU A 626 7.62 -24.51 18.61
N ILE A 627 6.99 -25.10 17.59
CA ILE A 627 6.65 -26.51 17.64
C ILE A 627 7.63 -27.33 16.83
N ALA A 628 8.63 -26.67 16.26
CA ALA A 628 9.66 -27.34 15.48
C ALA A 628 10.83 -26.39 15.28
C1 GLC B . -29.59 -9.54 12.03
C2 GLC B . -28.52 -9.01 11.07
C3 GLC B . -27.13 -9.16 11.70
C4 GLC B . -27.09 -8.52 13.10
C5 GLC B . -28.23 -9.10 13.95
C6 GLC B . -28.31 -8.45 15.32
O1 GLC B . -29.40 -10.89 12.26
O2 GLC B . -28.56 -9.75 9.86
O3 GLC B . -26.15 -8.52 10.89
O4 GLC B . -25.82 -8.83 13.72
O5 GLC B . -29.51 -8.87 13.30
O6 GLC B . -28.50 -7.04 15.20
C1 GLC B . -24.89 -7.79 13.73
C2 GLC B . -23.50 -8.34 13.38
C3 GLC B . -23.02 -9.28 14.49
C4 GLC B . -23.06 -8.58 15.85
C5 GLC B . -24.45 -7.99 16.10
C6 GLC B . -24.52 -7.15 17.37
O2 GLC B . -23.57 -9.04 12.15
O3 GLC B . -21.69 -9.70 14.21
O4 GLC B . -22.74 -9.53 16.89
O5 GLC B . -24.83 -7.13 15.00
O6 GLC B . -25.85 -6.71 17.61
C1 GLC B . -21.38 -9.70 17.16
C2 GLC B . -21.14 -11.08 17.77
C3 GLC B . -21.76 -11.15 19.16
C4 GLC B . -21.21 -10.02 20.04
C5 GLC B . -21.47 -8.68 19.34
C6 GLC B . -20.91 -7.49 20.09
O2 GLC B . -21.73 -12.07 16.93
O3 GLC B . -21.44 -12.41 19.76
O4 GLC B . -21.87 -10.06 21.32
O5 GLC B . -20.88 -8.68 18.03
O6 GLC B . -19.51 -7.61 20.28
C1 GLC B . -21.23 -10.82 22.30
C2 GLC B . -22.18 -11.10 23.47
C3 GLC B . -22.52 -9.78 24.19
C4 GLC B . -21.23 -9.09 24.64
C5 GLC B . -20.28 -8.90 23.44
C6 GLC B . -18.93 -8.35 23.86
O2 GLC B . -23.38 -11.69 22.97
O3 GLC B . -23.35 -10.06 25.30
O4 GLC B . -21.54 -7.82 25.21
O5 GLC B . -20.04 -10.17 22.79
O6 GLC B . -18.18 -9.31 24.60
C1 GLC C . -9.23 -34.07 16.63
C2 GLC C . -9.82 -32.67 16.59
C3 GLC C . -9.00 -31.74 15.69
C4 GLC C . -7.51 -31.81 16.00
C5 GLC C . -7.03 -33.27 16.10
C6 GLC C . -5.60 -33.35 16.62
O1 GLC C . -9.33 -34.66 15.37
O2 GLC C . -11.16 -32.71 16.11
O3 GLC C . -9.46 -30.40 15.86
O4 GLC C . -6.80 -31.13 14.94
O5 GLC C . -7.85 -34.02 17.02
O6 GLC C . -5.04 -34.64 16.39
C1 GLC C . -5.91 -30.11 15.32
C2 GLC C . -6.31 -28.79 14.63
C3 GLC C . -6.03 -28.89 13.12
C4 GLC C . -4.56 -29.26 12.87
C5 GLC C . -4.26 -30.58 13.60
C6 GLC C . -2.81 -31.01 13.47
O2 GLC C . -7.68 -28.52 14.85
O3 GLC C . -6.33 -27.65 12.48
O4 GLC C . -4.33 -29.40 11.48
O5 GLC C . -4.55 -30.43 15.02
O6 GLC C . -1.94 -30.03 14.04
C TRS D . -6.30 8.55 -3.23
C1 TRS D . -6.53 7.28 -4.08
C2 TRS D . -7.52 8.80 -2.32
C3 TRS D . -6.09 9.79 -4.14
N TRS D . -5.10 8.35 -2.40
O1 TRS D . -6.30 6.09 -3.25
O2 TRS D . -7.16 9.80 -1.30
O3 TRS D . -4.92 9.59 -4.98
#